data_4J5X
#
_entry.id   4J5X
#
_cell.length_a   70.090
_cell.length_b   120.300
_cell.length_c   175.790
_cell.angle_alpha   90.000
_cell.angle_beta   90.000
_cell.angle_gamma   90.000
#
_symmetry.space_group_name_H-M   'P 21 21 21'
#
loop_
_entity.id
_entity.type
_entity.pdbx_description
1 polymer 'Retinoic acid receptor RXR-alpha, Nuclear receptor coactivator 1'
2 polymer 'Nuclear receptor subfamily 1 group I member 2, Nuclear receptor coactivator 1'
3 non-polymer '[2-(3,5-DI-TERT-BUTYL-4-HYDROXY-PHENYL)-1-(DIETHOXY-PHOSPHORYL)-VINYL]-PHOSPHONIC ACID DIETHLYL ESTER'
4 water water
#
loop_
_entity_poly.entity_id
_entity_poly.type
_entity_poly.pdbx_seq_one_letter_code
_entity_poly.pdbx_strand_id
1 'polypeptide(L)'
;NEDMPVERILEAELAVEPKTETYVEANMGLNPSSPNDPVTNICQAADKQLFTLVEWAKRIPHFSELPLDDQVILLRAGWN
ELLIASFSHRSIAVKDGILLATGLHVHRNSAHSAGVGAIFDRVLTELVSKMRDMQMDKTELGCLRAIVLFNPDSKGLSNP
AEVEALREKVYASLEAYCKHKYPEQPGRFAKLLLRLPALRSIGLKCLEHLFFFKLIGDTPIDTFLMEMLEAPHQMTGGSG
GSSHSSLTERHKILHRLLQEGSPS
;
D,C
2 'polypeptide(L)'
;SNASERTGTQPLGVQGLTEEQRMMIRELMDAQMKTFDTTFSHFKNFRLPGVLSSGCELPESLQAPSREEAAKWSQVRKDL
CSLKVSLQLRGEDGSVWNYKPPADSGGKEIFSLLPHMADMSTYMFKGIISFAKVISYFRDLPIEDQISLLKGAAFELCQL
RFNTVFNAETGTWECGRLSYCLEDTAGGFQQLLLEPMLKFHYMLKKLQLHEEEYVLMQAISLFSPDRPGVLQHRVVDQLQ
EQFAITLKSYIECNRPQPAHRFLFLKIMAMLTELRSINAQHTQRLLRIQDIHPFATPLMQELFGITGSGGSGGSSHSSLT
ERHKILHRLLQEGSPS
;
A,B
#
loop_
_chem_comp.id
_chem_comp.type
_chem_comp.name
_chem_comp.formula
SRL non-polymer '[2-(3,5-DI-TERT-BUTYL-4-HYDROXY-PHENYL)-1-(DIETHOXY-PHOSPHORYL)-VINYL]-PHOSPHONIC ACID DIETHLYL ESTER' 'C24 H42 O7 P2'
#
# COMPACT_ATOMS: atom_id res chain seq x y z
N GLU A 2 47.36 -25.18 16.83
CA GLU A 2 48.53 -24.51 17.39
C GLU A 2 48.13 -23.34 18.27
N ASP A 3 46.94 -22.79 18.03
CA ASP A 3 46.41 -21.71 18.86
C ASP A 3 45.24 -22.24 19.67
N MET A 4 44.61 -23.30 19.17
CA MET A 4 43.66 -24.07 19.96
C MET A 4 44.08 -25.53 19.96
N PRO A 5 45.12 -25.87 20.74
CA PRO A 5 45.66 -27.23 20.76
C PRO A 5 44.59 -28.23 21.18
N VAL A 6 44.35 -29.22 20.34
CA VAL A 6 43.33 -30.23 20.60
C VAL A 6 43.65 -31.01 21.88
N GLU A 7 44.91 -30.92 22.30
CA GLU A 7 45.37 -31.57 23.51
C GLU A 7 44.96 -30.76 24.75
N ARG A 8 44.93 -29.44 24.60
CA ARG A 8 44.46 -28.55 25.66
C ARG A 8 43.00 -28.81 25.97
N ILE A 9 42.24 -29.14 24.92
CA ILE A 9 40.83 -29.50 25.06
C ILE A 9 40.68 -30.80 25.84
N LEU A 10 41.54 -31.76 25.51
CA LEU A 10 41.53 -33.06 26.18
C LEU A 10 41.88 -32.93 27.66
N GLU A 11 42.90 -32.11 27.95
CA GLU A 11 43.28 -31.85 29.33
C GLU A 11 42.10 -31.32 30.14
N ALA A 12 41.29 -30.48 29.52
CA ALA A 12 40.12 -29.91 30.16
C ALA A 12 39.09 -30.98 30.47
N GLU A 13 38.83 -31.85 29.50
CA GLU A 13 37.86 -32.93 29.67
C GLU A 13 38.29 -33.92 30.75
N LEU A 14 39.58 -34.22 30.81
CA LEU A 14 40.09 -35.18 31.77
C LEU A 14 40.21 -34.58 33.17
N ALA A 15 40.28 -33.26 33.25
CA ALA A 15 40.39 -32.56 34.53
C ALA A 15 39.04 -32.49 35.24
N VAL A 16 37.96 -32.46 34.46
CA VAL A 16 36.63 -32.26 35.00
C VAL A 16 35.78 -33.52 34.94
N GLU A 17 36.28 -34.51 34.21
CA GLU A 17 35.64 -35.81 34.14
C GLU A 17 36.65 -36.90 34.48
N PRO A 18 36.35 -37.70 35.51
CA PRO A 18 37.24 -38.80 35.89
C PRO A 18 37.08 -40.00 34.97
N LYS A 19 37.89 -41.02 35.17
CA LYS A 19 37.81 -42.25 34.40
C LYS A 19 36.45 -42.93 34.56
N THR A 20 36.10 -43.79 33.60
CA THR A 20 34.93 -44.64 33.77
C THR A 20 35.19 -45.54 34.96
N GLU A 21 34.27 -45.54 35.92
CA GLU A 21 34.45 -46.30 37.15
C GLU A 21 34.56 -47.79 36.90
N THR A 22 35.43 -48.44 37.65
CA THR A 22 35.75 -49.85 37.42
C THR A 22 34.55 -50.77 37.60
N TYR A 23 33.63 -50.41 38.50
CA TYR A 23 32.41 -51.20 38.67
C TYR A 23 31.61 -51.13 37.39
N VAL A 24 31.58 -49.95 36.79
CA VAL A 24 30.87 -49.74 35.54
C VAL A 24 31.54 -50.52 34.42
N GLU A 25 32.87 -50.47 34.38
CA GLU A 25 33.63 -51.18 33.34
C GLU A 25 33.43 -52.69 33.42
N ALA A 26 33.50 -53.22 34.63
CA ALA A 26 33.50 -54.67 34.83
C ALA A 26 32.10 -55.28 34.78
N ASN A 27 31.09 -54.52 35.16
CA ASN A 27 29.74 -55.06 35.28
C ASN A 27 28.72 -54.43 34.35
N MET A 28 28.89 -53.14 34.07
CA MET A 28 27.94 -52.42 33.24
C MET A 28 28.39 -52.36 31.78
N GLY A 29 27.60 -52.99 30.92
CA GLY A 29 27.97 -53.20 29.52
C GLY A 29 27.36 -54.50 29.10
N LEU A 30 27.92 -55.14 28.08
CA LEU A 30 27.33 -56.37 27.56
C LEU A 30 28.36 -57.46 27.26
N ASN A 31 27.91 -58.51 26.56
CA ASN A 31 28.71 -59.70 26.29
C ASN A 31 29.27 -60.34 27.56
N PRO A 35 12.56 -44.10 41.88
CA PRO A 35 12.07 -44.41 43.23
C PRO A 35 12.59 -43.42 44.27
N ASN A 36 13.82 -42.94 44.08
CA ASN A 36 14.36 -41.86 44.92
C ASN A 36 13.98 -40.52 44.31
N ASP A 37 13.03 -40.57 43.36
CA ASP A 37 12.64 -39.46 42.47
C ASP A 37 13.66 -39.21 41.38
N PRO A 38 13.46 -39.83 40.20
CA PRO A 38 14.40 -39.71 39.08
C PRO A 38 14.67 -38.24 38.75
N VAL A 39 13.63 -37.44 38.59
CA VAL A 39 13.79 -36.02 38.23
C VAL A 39 14.62 -35.21 39.23
N THR A 40 14.30 -35.28 40.53
CA THR A 40 15.09 -34.60 41.56
C THR A 40 16.55 -34.96 41.41
N ASN A 41 16.81 -36.26 41.34
CA ASN A 41 18.15 -36.77 41.12
C ASN A 41 18.79 -36.16 39.86
N ILE A 42 18.01 -36.07 38.78
CA ILE A 42 18.51 -35.53 37.52
C ILE A 42 18.87 -34.03 37.64
N CYS A 43 18.04 -33.30 38.37
CA CYS A 43 18.28 -31.88 38.64
C CYS A 43 19.43 -31.68 39.62
N GLN A 44 19.69 -32.70 40.44
CA GLN A 44 20.78 -32.65 41.41
C GLN A 44 22.12 -32.85 40.72
N ALA A 45 22.12 -33.69 39.69
CA ALA A 45 23.31 -33.91 38.88
C ALA A 45 23.56 -32.68 38.01
N ALA A 46 22.48 -32.05 37.58
CA ALA A 46 22.56 -30.85 36.74
C ALA A 46 23.24 -29.70 37.48
N ASP A 47 22.76 -29.42 38.69
CA ASP A 47 23.35 -28.37 39.50
C ASP A 47 24.80 -28.69 39.81
N LYS A 48 25.06 -29.95 40.15
CA LYS A 48 26.40 -30.41 40.45
C LYS A 48 27.35 -30.18 39.29
N GLN A 49 26.90 -30.53 38.09
CA GLN A 49 27.72 -30.47 36.90
C GLN A 49 27.87 -29.05 36.35
N LEU A 50 27.03 -28.15 36.81
CA LEU A 50 27.09 -26.76 36.37
C LEU A 50 28.33 -26.06 36.92
N PHE A 51 28.72 -26.41 38.14
CA PHE A 51 29.96 -25.92 38.71
C PHE A 51 31.14 -26.49 37.94
N THR A 52 31.03 -27.77 37.62
CA THR A 52 32.05 -28.48 36.85
C THR A 52 32.22 -27.83 35.49
N LEU A 53 31.10 -27.42 34.90
CA LEU A 53 31.08 -26.87 33.55
C LEU A 53 31.84 -25.56 33.47
N VAL A 54 31.78 -24.77 34.54
CA VAL A 54 32.49 -23.51 34.59
C VAL A 54 33.99 -23.77 34.69
N GLU A 55 34.37 -24.83 35.40
CA GLU A 55 35.77 -25.17 35.56
C GLU A 55 36.32 -25.73 34.25
N TRP A 56 35.47 -26.47 33.54
CA TRP A 56 35.81 -27.00 32.23
C TRP A 56 36.04 -25.88 31.22
N ALA A 57 35.13 -24.92 31.22
CA ALA A 57 35.18 -23.79 30.28
C ALA A 57 36.46 -22.98 30.47
N LYS A 58 36.84 -22.75 31.71
CA LYS A 58 38.02 -21.95 32.01
C LYS A 58 39.32 -22.63 31.57
N ARG A 59 39.24 -23.94 31.32
CA ARG A 59 40.41 -24.69 30.88
C ARG A 59 40.51 -24.75 29.35
N ILE A 60 39.36 -24.60 28.69
CA ILE A 60 39.30 -24.50 27.24
C ILE A 60 39.94 -23.18 26.82
N PRO A 61 40.99 -23.24 25.98
CA PRO A 61 41.85 -22.08 25.72
C PRO A 61 41.12 -20.81 25.24
N HIS A 62 41.60 -19.66 25.73
CA HIS A 62 41.13 -18.34 25.30
C HIS A 62 39.73 -17.95 25.75
N PHE A 63 39.01 -18.91 26.32
CA PHE A 63 37.70 -18.65 26.88
C PHE A 63 37.80 -17.61 28.00
N SER A 64 38.82 -17.74 28.83
CA SER A 64 38.98 -16.91 30.01
C SER A 64 39.59 -15.54 29.74
N GLU A 65 40.01 -15.29 28.50
CA GLU A 65 40.48 -13.96 28.11
C GLU A 65 39.41 -13.22 27.31
N LEU A 66 38.21 -13.79 27.27
CA LEU A 66 37.05 -13.11 26.71
C LEU A 66 36.57 -12.06 27.69
N PRO A 67 35.73 -11.12 27.21
CA PRO A 67 34.99 -10.27 28.14
C PRO A 67 34.18 -11.14 29.09
N LEU A 68 34.10 -10.72 30.34
CA LEU A 68 33.50 -11.54 31.38
C LEU A 68 32.06 -11.91 31.08
N ASP A 69 31.26 -10.94 30.61
CA ASP A 69 29.86 -11.20 30.33
C ASP A 69 29.64 -11.97 29.03
N ASP A 70 30.69 -12.14 28.25
CA ASP A 70 30.63 -13.01 27.08
C ASP A 70 30.65 -14.46 27.56
N GLN A 71 31.52 -14.73 28.52
CA GLN A 71 31.65 -16.05 29.11
C GLN A 71 30.33 -16.46 29.76
N VAL A 72 29.65 -15.50 30.38
CA VAL A 72 28.35 -15.76 30.98
C VAL A 72 27.33 -16.12 29.92
N ILE A 73 27.31 -15.32 28.85
CA ILE A 73 26.37 -15.52 27.76
C ILE A 73 26.58 -16.87 27.10
N LEU A 74 27.84 -17.17 26.77
CA LEU A 74 28.19 -18.44 26.14
C LEU A 74 27.77 -19.62 26.99
N LEU A 75 28.09 -19.56 28.28
CA LEU A 75 27.79 -20.64 29.21
C LEU A 75 26.28 -20.77 29.45
N ARG A 76 25.59 -19.65 29.65
CA ARG A 76 24.15 -19.68 29.90
C ARG A 76 23.38 -20.23 28.70
N ALA A 77 23.89 -19.96 27.50
CA ALA A 77 23.22 -20.38 26.28
C ALA A 77 23.40 -21.87 26.03
N GLY A 78 24.61 -22.36 26.28
CA GLY A 78 24.95 -23.73 25.95
C GLY A 78 25.06 -24.72 27.10
N TRP A 79 24.91 -24.25 28.34
CA TRP A 79 25.07 -25.13 29.51
C TRP A 79 24.21 -26.37 29.39
N ASN A 80 23.02 -26.18 28.84
CA ASN A 80 22.04 -27.24 28.71
C ASN A 80 22.55 -28.42 27.89
N GLU A 81 23.11 -28.12 26.71
CA GLU A 81 23.57 -29.16 25.80
C GLU A 81 24.99 -29.63 26.11
N LEU A 82 25.77 -28.78 26.77
CA LEU A 82 27.10 -29.17 27.23
C LEU A 82 26.98 -30.24 28.30
N LEU A 83 25.89 -30.22 29.05
CA LEU A 83 25.65 -31.20 30.10
C LEU A 83 24.98 -32.46 29.57
N ILE A 84 24.20 -32.29 28.51
CA ILE A 84 23.49 -33.43 27.93
C ILE A 84 24.45 -34.31 27.17
N ALA A 85 25.36 -33.69 26.43
CA ALA A 85 26.33 -34.46 25.68
C ALA A 85 27.30 -35.15 26.64
N SER A 86 27.68 -34.46 27.71
CA SER A 86 28.62 -35.01 28.69
C SER A 86 28.06 -36.22 29.41
N PHE A 87 26.75 -36.21 29.66
CA PHE A 87 26.16 -37.34 30.35
C PHE A 87 25.82 -38.45 29.35
N SER A 88 25.62 -38.08 28.10
CA SER A 88 25.36 -39.05 27.05
C SER A 88 26.62 -39.85 26.74
N HIS A 89 27.77 -39.21 26.88
CA HIS A 89 29.05 -39.86 26.61
C HIS A 89 29.50 -40.75 27.77
N ARG A 90 29.02 -40.46 28.97
CA ARG A 90 29.27 -41.34 30.12
C ARG A 90 28.44 -42.60 29.97
N SER A 91 27.23 -42.45 29.41
CA SER A 91 26.24 -43.51 29.38
C SER A 91 26.54 -44.60 28.36
N ILE A 92 27.54 -44.39 27.50
CA ILE A 92 27.93 -45.43 26.56
C ILE A 92 28.70 -46.51 27.29
N ALA A 93 29.15 -46.19 28.51
CA ALA A 93 29.82 -47.16 29.37
C ALA A 93 28.83 -48.20 29.90
N VAL A 94 27.58 -47.79 30.10
CA VAL A 94 26.55 -48.71 30.58
C VAL A 94 25.68 -49.23 29.43
N LYS A 95 24.92 -50.27 29.70
CA LYS A 95 24.17 -50.97 28.66
C LYS A 95 22.86 -50.29 28.25
N ASP A 96 22.15 -49.71 29.21
CA ASP A 96 20.72 -49.47 29.00
C ASP A 96 20.17 -48.09 29.36
N GLY A 97 20.64 -47.51 30.44
CA GLY A 97 20.08 -46.25 30.85
C GLY A 97 21.03 -45.09 30.68
N ILE A 98 20.86 -44.09 31.56
CA ILE A 98 21.73 -42.93 31.61
C ILE A 98 22.49 -42.98 32.91
N LEU A 99 23.77 -42.63 32.83
CA LEU A 99 24.58 -42.49 34.02
C LEU A 99 24.84 -41.01 34.31
N LEU A 100 24.23 -40.51 35.39
CA LEU A 100 24.47 -39.15 35.85
C LEU A 100 25.84 -39.11 36.52
N ALA A 101 26.40 -37.91 36.68
CA ALA A 101 27.72 -37.75 37.29
C ALA A 101 27.65 -37.89 38.81
N THR A 102 26.47 -38.23 39.31
CA THR A 102 26.29 -38.54 40.72
C THR A 102 26.45 -40.04 40.90
N GLY A 103 26.56 -40.75 39.78
CA GLY A 103 26.70 -42.19 39.78
C GLY A 103 25.38 -42.89 39.54
N LEU A 104 24.28 -42.15 39.65
CA LEU A 104 22.95 -42.75 39.53
C LEU A 104 22.63 -43.25 38.12
N HIS A 105 22.01 -44.42 38.07
CA HIS A 105 21.69 -45.08 36.81
C HIS A 105 20.17 -45.14 36.62
N VAL A 106 19.66 -44.47 35.59
CA VAL A 106 18.22 -44.34 35.37
C VAL A 106 17.73 -45.24 34.23
N HIS A 107 16.52 -45.79 34.37
CA HIS A 107 15.97 -46.72 33.39
C HIS A 107 14.80 -46.16 32.58
N ARG A 108 14.33 -46.92 31.59
CA ARG A 108 13.12 -46.54 30.86
C ARG A 108 11.86 -47.08 31.53
N ASN A 109 11.90 -47.15 32.84
CA ASN A 109 10.71 -47.38 33.64
C ASN A 109 10.67 -46.26 34.67
N SER A 110 11.85 -45.92 35.17
CA SER A 110 12.01 -44.80 36.08
C SER A 110 11.86 -43.49 35.32
N ALA A 111 11.86 -43.57 33.99
CA ALA A 111 11.68 -42.38 33.16
C ALA A 111 10.26 -42.32 32.58
N HIS A 112 9.73 -43.47 32.21
CA HIS A 112 8.38 -43.55 31.68
C HIS A 112 7.34 -43.22 32.74
N SER A 113 7.54 -43.75 33.94
CA SER A 113 6.62 -43.49 35.05
C SER A 113 6.83 -42.10 35.64
N ALA A 114 7.80 -41.36 35.08
CA ALA A 114 8.10 -40.02 35.54
C ALA A 114 7.66 -38.99 34.52
N GLY A 115 7.27 -39.46 33.34
CA GLY A 115 6.79 -38.58 32.29
C GLY A 115 7.87 -38.12 31.33
N VAL A 116 9.12 -38.42 31.67
CA VAL A 116 10.24 -38.04 30.83
C VAL A 116 10.68 -39.18 29.92
N GLY A 117 9.74 -40.06 29.60
CA GLY A 117 10.04 -41.24 28.80
C GLY A 117 10.51 -40.94 27.39
N ALA A 118 9.75 -40.12 26.68
CA ALA A 118 10.05 -39.81 25.29
C ALA A 118 11.41 -39.14 25.11
N ILE A 119 11.71 -38.16 25.95
CA ILE A 119 13.02 -37.51 25.89
C ILE A 119 14.11 -38.52 26.26
N PHE A 120 13.84 -39.32 27.29
CA PHE A 120 14.74 -40.39 27.74
C PHE A 120 15.11 -41.33 26.58
N ASP A 121 14.10 -41.88 25.92
CA ASP A 121 14.28 -42.81 24.82
C ASP A 121 15.01 -42.14 23.66
N ARG A 122 14.66 -40.88 23.41
CA ARG A 122 15.30 -40.09 22.36
C ARG A 122 16.81 -39.97 22.61
N VAL A 123 17.18 -39.61 23.83
CA VAL A 123 18.59 -39.48 24.19
C VAL A 123 19.30 -40.84 24.03
N LEU A 124 18.58 -41.91 24.33
CA LEU A 124 19.13 -43.25 24.12
C LEU A 124 19.41 -43.53 22.64
N THR A 125 18.39 -43.39 21.79
CA THR A 125 18.52 -43.73 20.37
C THR A 125 19.34 -42.74 19.53
N GLU A 126 19.55 -41.53 20.03
CA GLU A 126 20.15 -40.48 19.19
C GLU A 126 21.53 -40.00 19.62
N LEU A 127 21.78 -39.99 20.92
CA LEU A 127 23.06 -39.52 21.44
C LEU A 127 23.93 -40.66 21.94
N VAL A 128 23.40 -41.42 22.90
CA VAL A 128 24.14 -42.54 23.48
C VAL A 128 24.40 -43.63 22.45
N SER A 129 23.33 -44.11 21.81
CA SER A 129 23.45 -45.22 20.86
C SER A 129 24.24 -44.86 19.60
N LYS A 130 24.56 -43.59 19.42
CA LYS A 130 25.34 -43.17 18.27
C LYS A 130 26.76 -42.79 18.64
N MET A 131 26.94 -42.26 19.85
CA MET A 131 28.28 -42.01 20.39
C MET A 131 28.97 -43.35 20.59
N ARG A 132 28.19 -44.37 20.94
CA ARG A 132 28.70 -45.71 21.16
C ARG A 132 29.05 -46.39 19.85
N ASP A 133 28.12 -46.36 18.89
CA ASP A 133 28.30 -47.04 17.62
C ASP A 133 29.48 -46.50 16.82
N MET A 134 29.72 -45.20 16.89
CA MET A 134 30.88 -44.61 16.22
C MET A 134 32.02 -44.46 17.21
N GLN A 135 31.85 -45.05 18.40
CA GLN A 135 32.85 -45.03 19.46
C GLN A 135 33.42 -43.63 19.67
N MET A 136 32.60 -42.74 20.22
CA MET A 136 32.99 -41.34 20.32
C MET A 136 34.12 -41.10 21.31
N ASP A 137 35.29 -40.76 20.77
CA ASP A 137 36.46 -40.44 21.57
C ASP A 137 36.25 -39.17 22.42
N LYS A 138 36.93 -39.10 23.56
CA LYS A 138 36.77 -37.96 24.46
C LYS A 138 37.30 -36.64 23.90
N THR A 139 38.34 -36.71 23.08
CA THR A 139 38.88 -35.50 22.44
C THR A 139 37.88 -34.92 21.46
N GLU A 140 37.13 -35.80 20.81
CA GLU A 140 36.07 -35.38 19.89
C GLU A 140 34.92 -34.77 20.68
N LEU A 141 34.59 -35.41 21.79
CA LEU A 141 33.56 -34.91 22.70
C LEU A 141 33.93 -33.52 23.22
N GLY A 142 35.17 -33.37 23.66
CA GLY A 142 35.64 -32.12 24.21
C GLY A 142 35.71 -31.02 23.16
N CYS A 143 35.76 -31.40 21.90
CA CYS A 143 35.80 -30.43 20.82
C CYS A 143 34.40 -30.05 20.38
N LEU A 144 33.52 -31.04 20.28
CA LEU A 144 32.11 -30.76 19.99
C LEU A 144 31.53 -29.81 21.02
N ARG A 145 31.87 -30.02 22.28
CA ARG A 145 31.39 -29.16 23.35
C ARG A 145 31.97 -27.77 23.27
N ALA A 146 33.27 -27.68 22.94
CA ALA A 146 33.91 -26.40 22.76
C ALA A 146 33.19 -25.65 21.65
N ILE A 147 32.73 -26.40 20.65
CA ILE A 147 31.96 -25.85 19.55
C ILE A 147 30.58 -25.37 20.03
N VAL A 148 29.90 -26.20 20.80
CA VAL A 148 28.61 -25.82 21.36
C VAL A 148 28.77 -24.62 22.29
N LEU A 149 29.89 -24.58 23.00
CA LEU A 149 30.19 -23.48 23.90
C LEU A 149 30.38 -22.19 23.11
N PHE A 150 31.35 -22.20 22.20
CA PHE A 150 31.63 -21.03 21.37
C PHE A 150 30.56 -20.82 20.32
N ASN A 151 29.38 -20.39 20.75
CA ASN A 151 28.29 -20.06 19.85
C ASN A 151 28.19 -18.54 19.71
N PRO A 152 28.54 -18.03 18.52
CA PRO A 152 28.56 -16.58 18.30
C PRO A 152 27.19 -16.04 17.89
N ASP A 153 26.21 -16.92 17.79
CA ASP A 153 24.84 -16.50 17.46
C ASP A 153 24.03 -16.31 18.74
N SER A 154 24.74 -16.03 19.83
CA SER A 154 24.10 -15.77 21.11
C SER A 154 24.01 -14.26 21.36
N LYS A 155 22.88 -13.83 21.92
CA LYS A 155 22.58 -12.42 22.05
C LYS A 155 23.37 -11.74 23.17
N GLY A 156 24.05 -10.65 22.82
CA GLY A 156 24.69 -9.80 23.80
C GLY A 156 26.20 -9.83 23.81
N LEU A 157 26.79 -10.69 22.99
CA LEU A 157 28.25 -10.86 22.96
C LEU A 157 28.96 -9.56 22.55
N SER A 158 29.94 -9.17 23.36
CA SER A 158 30.73 -7.96 23.11
C SER A 158 31.51 -8.04 21.80
N ASN A 159 31.85 -9.26 21.42
CA ASN A 159 32.55 -9.50 20.16
C ASN A 159 32.32 -10.93 19.69
N PRO A 160 31.25 -11.15 18.93
CA PRO A 160 30.96 -12.48 18.35
C PRO A 160 32.04 -12.86 17.34
N ALA A 161 32.79 -11.88 16.86
CA ALA A 161 33.86 -12.11 15.89
C ALA A 161 35.14 -12.63 16.54
N GLU A 162 35.03 -13.08 17.78
CA GLU A 162 36.10 -13.82 18.43
C GLU A 162 35.58 -15.19 18.83
N VAL A 163 34.35 -15.21 19.31
CA VAL A 163 33.65 -16.46 19.58
C VAL A 163 33.49 -17.23 18.27
N GLU A 164 33.31 -16.48 17.18
CA GLU A 164 33.33 -17.07 15.85
C GLU A 164 34.72 -17.61 15.56
N ALA A 165 35.73 -16.78 15.79
CA ALA A 165 37.12 -17.16 15.55
C ALA A 165 37.52 -18.38 16.39
N LEU A 166 37.23 -18.32 17.68
CA LEU A 166 37.59 -19.42 18.58
C LEU A 166 36.85 -20.70 18.24
N ARG A 167 35.65 -20.58 17.69
CA ARG A 167 34.91 -21.75 17.25
C ARG A 167 35.58 -22.33 16.01
N GLU A 168 36.11 -21.44 15.17
CA GLU A 168 36.81 -21.85 13.96
C GLU A 168 38.09 -22.61 14.28
N LYS A 169 38.78 -22.17 15.33
CA LYS A 169 40.04 -22.80 15.72
C LYS A 169 39.80 -24.21 16.28
N VAL A 170 38.68 -24.38 16.98
CA VAL A 170 38.27 -25.70 17.43
C VAL A 170 37.93 -26.55 16.21
N TYR A 171 37.21 -25.94 15.27
CA TYR A 171 36.81 -26.62 14.04
C TYR A 171 38.02 -27.13 13.28
N ALA A 172 39.03 -26.28 13.12
CA ALA A 172 40.25 -26.65 12.42
C ALA A 172 41.03 -27.71 13.18
N SER A 173 41.14 -27.53 14.49
CA SER A 173 41.89 -28.46 15.33
C SER A 173 41.21 -29.84 15.40
N LEU A 174 39.89 -29.84 15.57
CA LEU A 174 39.15 -31.10 15.60
C LEU A 174 39.21 -31.80 14.24
N GLU A 175 39.23 -31.00 13.18
CA GLU A 175 39.31 -31.54 11.83
C GLU A 175 40.65 -32.24 11.60
N ALA A 176 41.72 -31.56 12.00
CA ALA A 176 43.06 -32.12 11.89
C ALA A 176 43.19 -33.39 12.71
N TYR A 177 42.67 -33.35 13.94
CA TYR A 177 42.70 -34.51 14.83
C TYR A 177 41.91 -35.67 14.25
N CYS A 178 40.68 -35.39 13.82
CA CYS A 178 39.79 -36.42 13.32
C CYS A 178 40.35 -37.10 12.06
N LYS A 179 41.10 -36.34 11.27
CA LYS A 179 41.80 -36.88 10.11
C LYS A 179 42.92 -37.79 10.58
N HIS A 180 43.75 -37.25 11.45
CA HIS A 180 44.94 -37.92 11.96
C HIS A 180 44.60 -39.23 12.65
N LYS A 181 43.74 -39.12 13.67
CA LYS A 181 43.43 -40.20 14.59
C LYS A 181 42.50 -41.24 13.95
N TYR A 182 41.67 -40.82 12.98
CA TYR A 182 40.76 -41.74 12.30
C TYR A 182 40.74 -41.59 10.77
N PRO A 183 41.78 -42.07 10.09
CA PRO A 183 41.80 -42.02 8.61
C PRO A 183 40.82 -42.98 7.97
N GLU A 184 40.66 -44.16 8.58
CA GLU A 184 39.76 -45.19 8.06
C GLU A 184 38.30 -44.72 8.09
N GLN A 185 38.05 -43.70 8.92
CA GLN A 185 36.71 -43.12 9.05
C GLN A 185 36.73 -41.72 8.47
N PRO A 186 36.41 -41.59 7.17
CA PRO A 186 36.57 -40.32 6.44
C PRO A 186 35.45 -39.32 6.71
N GLY A 187 34.22 -39.78 6.84
CA GLY A 187 33.10 -38.90 7.11
C GLY A 187 32.78 -38.79 8.59
N ARG A 188 33.75 -39.14 9.43
CA ARG A 188 33.55 -39.15 10.86
C ARG A 188 33.39 -37.74 11.42
N PHE A 189 34.21 -36.82 10.93
CA PHE A 189 34.21 -35.43 11.40
C PHE A 189 32.88 -34.74 11.14
N ALA A 190 32.17 -35.18 10.10
CA ALA A 190 30.88 -34.60 9.74
C ALA A 190 29.72 -35.37 10.36
N LYS A 191 30.00 -36.53 10.93
CA LYS A 191 28.98 -37.29 11.64
C LYS A 191 28.91 -36.81 13.07
N LEU A 192 30.02 -36.23 13.54
CA LEU A 192 30.07 -35.61 14.86
C LEU A 192 29.24 -34.33 14.86
N LEU A 193 29.52 -33.47 13.90
CA LEU A 193 28.81 -32.20 13.77
C LEU A 193 27.32 -32.43 13.49
N LEU A 194 27.01 -33.56 12.86
CA LEU A 194 25.62 -33.91 12.57
C LEU A 194 24.83 -34.14 13.86
N ARG A 195 25.54 -34.38 14.95
CA ARG A 195 24.90 -34.61 16.23
C ARG A 195 24.46 -33.30 16.89
N LEU A 196 25.00 -32.19 16.41
CA LEU A 196 24.67 -30.88 16.96
C LEU A 196 23.18 -30.49 16.91
N PRO A 197 22.53 -30.62 15.73
CA PRO A 197 21.10 -30.30 15.71
C PRO A 197 20.28 -31.37 16.43
N ALA A 198 20.81 -32.58 16.50
CA ALA A 198 20.18 -33.65 17.27
C ALA A 198 20.32 -33.32 18.76
N LEU A 199 21.44 -32.69 19.11
CA LEU A 199 21.71 -32.30 20.48
C LEU A 199 20.80 -31.14 20.87
N ARG A 200 20.71 -30.15 20.00
CA ARG A 200 19.88 -28.97 20.23
C ARG A 200 18.42 -29.35 20.42
N SER A 201 17.90 -30.15 19.50
CA SER A 201 16.49 -30.54 19.53
C SER A 201 16.17 -31.33 20.81
N ILE A 202 17.14 -32.11 21.27
CA ILE A 202 17.01 -32.83 22.53
C ILE A 202 17.27 -31.89 23.70
N GLY A 203 18.22 -30.99 23.51
CA GLY A 203 18.57 -30.01 24.53
C GLY A 203 17.45 -29.07 24.90
N LEU A 204 16.58 -28.77 23.94
CA LEU A 204 15.46 -27.87 24.19
C LEU A 204 14.27 -28.60 24.78
N LYS A 205 14.14 -29.89 24.46
CA LYS A 205 13.05 -30.69 25.00
C LYS A 205 13.30 -30.99 26.47
N CYS A 206 14.54 -30.77 26.91
CA CYS A 206 14.90 -30.97 28.31
C CYS A 206 14.58 -29.73 29.14
N LEU A 207 14.87 -28.55 28.59
CA LEU A 207 14.46 -27.30 29.23
C LEU A 207 12.94 -27.25 29.26
N GLU A 208 12.33 -27.80 28.21
CA GLU A 208 10.89 -27.92 28.11
C GLU A 208 10.35 -28.80 29.24
N HIS A 209 11.21 -29.67 29.76
CA HIS A 209 10.88 -30.47 30.94
C HIS A 209 11.31 -29.79 32.24
N LEU A 210 12.50 -29.20 32.24
CA LEU A 210 13.01 -28.48 33.41
C LEU A 210 12.08 -27.35 33.84
N PHE A 211 11.48 -26.67 32.86
CA PHE A 211 10.57 -25.57 33.16
C PHE A 211 9.22 -26.09 33.64
N PHE A 212 8.81 -27.23 33.09
CA PHE A 212 7.54 -27.82 33.48
C PHE A 212 7.57 -28.33 34.91
N PHE A 213 8.76 -28.76 35.35
CA PHE A 213 8.92 -29.27 36.70
C PHE A 213 9.25 -28.15 37.67
N LYS A 214 9.80 -27.06 37.14
CA LYS A 214 10.06 -25.87 37.93
C LYS A 214 8.72 -25.21 38.27
N LEU A 215 7.77 -25.33 37.35
CA LEU A 215 6.47 -24.70 37.51
C LEU A 215 5.57 -25.47 38.45
N ILE A 216 5.63 -26.80 38.38
CA ILE A 216 4.89 -27.65 39.31
C ILE A 216 5.38 -27.39 40.73
N GLY A 217 6.67 -27.12 40.86
CA GLY A 217 7.24 -26.70 42.11
C GLY A 217 7.59 -27.85 43.05
N ASP A 218 7.08 -29.03 42.74
CA ASP A 218 7.30 -30.20 43.59
C ASP A 218 8.57 -30.95 43.18
N THR A 219 9.50 -30.22 42.57
CA THR A 219 10.79 -30.78 42.19
C THR A 219 11.90 -29.85 42.66
N PRO A 220 12.65 -30.28 43.69
CA PRO A 220 13.73 -29.49 44.28
C PRO A 220 14.79 -29.08 43.25
N ILE A 221 15.05 -27.78 43.16
CA ILE A 221 16.03 -27.26 42.21
C ILE A 221 17.05 -26.39 42.93
N ASP A 222 18.31 -26.82 42.89
CA ASP A 222 19.37 -26.14 43.63
C ASP A 222 19.74 -24.80 43.03
N THR A 223 20.66 -24.09 43.69
CA THR A 223 20.96 -22.69 43.36
C THR A 223 21.40 -22.46 41.92
N PHE A 224 22.44 -23.17 41.49
CA PHE A 224 23.03 -22.93 40.17
C PHE A 224 22.07 -23.32 39.05
N LEU A 225 21.38 -24.45 39.22
CA LEU A 225 20.40 -24.86 38.22
C LEU A 225 19.26 -23.86 38.16
N MET A 226 18.91 -23.31 39.31
CA MET A 226 17.86 -22.30 39.39
C MET A 226 18.28 -21.03 38.64
N GLU A 227 19.54 -20.64 38.82
CA GLU A 227 20.08 -19.46 38.14
C GLU A 227 20.06 -19.64 36.62
N MET A 228 20.22 -20.87 36.15
CA MET A 228 20.23 -21.15 34.72
C MET A 228 18.83 -21.11 34.10
N LEU A 229 17.83 -21.50 34.88
CA LEU A 229 16.45 -21.50 34.41
C LEU A 229 15.79 -20.16 34.69
N GLU A 230 16.60 -19.20 35.15
CA GLU A 230 16.09 -17.89 35.52
C GLU A 230 16.65 -16.81 34.61
N ALA A 231 15.78 -15.91 34.16
CA ALA A 231 16.19 -14.80 33.30
C ALA A 231 17.19 -13.90 34.03
N PRO A 232 18.19 -13.38 33.30
CA PRO A 232 19.22 -12.52 33.91
C PRO A 232 18.66 -11.16 34.30
N ARG A 250 18.79 -12.10 38.21
CA ARG A 250 20.20 -11.74 38.16
C ARG A 250 21.09 -12.94 38.50
N HIS A 251 22.22 -13.06 37.80
CA HIS A 251 23.16 -14.15 38.02
C HIS A 251 24.31 -13.76 38.95
N LYS A 252 24.36 -14.39 40.11
CA LYS A 252 25.43 -14.15 41.09
C LYS A 252 26.53 -15.20 40.99
N ILE A 253 26.12 -16.46 40.92
CA ILE A 253 27.05 -17.59 40.96
C ILE A 253 28.01 -17.63 39.76
N LEU A 254 27.44 -17.74 38.57
CA LEU A 254 28.21 -17.89 37.34
C LEU A 254 29.23 -16.75 37.19
N HIS A 255 28.74 -15.52 37.30
CA HIS A 255 29.57 -14.33 37.13
C HIS A 255 30.72 -14.30 38.12
N ARG A 256 30.48 -14.85 39.31
CA ARG A 256 31.51 -14.91 40.35
C ARG A 256 32.58 -15.94 40.04
N LEU A 257 32.14 -17.14 39.67
CA LEU A 257 33.02 -18.27 39.42
C LEU A 257 34.08 -17.97 38.35
N LEU A 258 33.66 -17.27 37.30
CA LEU A 258 34.52 -17.04 36.14
C LEU A 258 35.73 -16.16 36.44
N GLN A 259 35.65 -15.39 37.52
CA GLN A 259 36.74 -14.48 37.88
C GLN A 259 37.75 -15.17 38.78
N GLU A 260 37.34 -16.27 39.39
CA GLU A 260 38.20 -17.04 40.28
C GLU A 260 39.21 -17.87 39.49
N GLU B 2 -8.46 54.26 -9.87
CA GLU B 2 -7.57 55.39 -10.11
C GLU B 2 -6.34 54.96 -10.90
N ASP B 3 -6.06 53.67 -10.92
CA ASP B 3 -4.95 53.13 -11.68
C ASP B 3 -5.48 52.31 -12.86
N MET B 4 -6.73 51.89 -12.75
CA MET B 4 -7.46 51.34 -13.87
C MET B 4 -8.75 52.12 -14.04
N PRO B 5 -8.64 53.33 -14.60
CA PRO B 5 -9.77 54.25 -14.73
C PRO B 5 -10.91 53.62 -15.51
N VAL B 6 -12.10 53.60 -14.91
CA VAL B 6 -13.26 53.00 -15.55
C VAL B 6 -13.67 53.77 -16.81
N GLU B 7 -13.09 54.95 -16.98
CA GLU B 7 -13.31 55.75 -18.19
C GLU B 7 -12.37 55.32 -19.31
N ARG B 8 -11.15 54.92 -18.97
CA ARG B 8 -10.20 54.43 -19.98
C ARG B 8 -10.70 53.13 -20.59
N ILE B 9 -11.42 52.35 -19.79
CA ILE B 9 -12.02 51.11 -20.26
C ILE B 9 -13.12 51.42 -21.27
N LEU B 10 -13.93 52.43 -20.96
CA LEU B 10 -15.01 52.86 -21.84
C LEU B 10 -14.43 53.44 -23.13
N GLU B 11 -13.32 54.16 -23.01
CA GLU B 11 -12.62 54.70 -24.18
C GLU B 11 -12.24 53.58 -25.14
N ALA B 12 -11.80 52.46 -24.59
CA ALA B 12 -11.41 51.31 -25.40
C ALA B 12 -12.61 50.69 -26.11
N GLU B 13 -13.67 50.42 -25.36
CA GLU B 13 -14.89 49.87 -25.91
C GLU B 13 -15.47 50.75 -27.01
N LEU B 14 -15.49 52.06 -26.77
CA LEU B 14 -16.01 53.02 -27.73
C LEU B 14 -15.12 53.13 -28.97
N ALA B 15 -13.82 52.96 -28.78
CA ALA B 15 -12.86 53.11 -29.89
C ALA B 15 -12.89 51.93 -30.86
N VAL B 16 -13.38 50.79 -30.40
CA VAL B 16 -13.39 49.59 -31.22
C VAL B 16 -14.80 49.14 -31.57
N GLU B 17 -15.78 49.68 -30.86
CA GLU B 17 -17.19 49.42 -31.16
C GLU B 17 -17.90 50.72 -31.47
N PRO B 18 -18.51 50.82 -32.66
CA PRO B 18 -19.22 52.03 -33.05
C PRO B 18 -20.62 52.06 -32.42
N LYS B 19 -21.27 53.22 -32.51
CA LYS B 19 -22.63 53.39 -32.01
C LYS B 19 -23.59 52.42 -32.70
N THR B 20 -24.70 52.11 -32.04
CA THR B 20 -25.73 51.28 -32.64
C THR B 20 -26.22 51.94 -33.92
N GLU B 21 -26.28 51.18 -35.01
CA GLU B 21 -26.65 51.74 -36.30
C GLU B 21 -28.09 52.25 -36.31
N THR B 22 -28.29 53.40 -36.96
CA THR B 22 -29.57 54.09 -36.93
C THR B 22 -30.71 53.29 -37.55
N TYR B 23 -30.40 52.39 -38.48
CA TYR B 23 -31.43 51.51 -39.01
C TYR B 23 -31.88 50.56 -37.91
N VAL B 24 -30.91 50.09 -37.12
CA VAL B 24 -31.19 49.18 -36.02
C VAL B 24 -32.01 49.87 -34.94
N GLU B 25 -31.57 51.05 -34.52
CA GLU B 25 -32.27 51.81 -33.47
C GLU B 25 -33.71 52.13 -33.86
N ALA B 26 -33.91 52.42 -35.15
CA ALA B 26 -35.22 52.87 -35.61
C ALA B 26 -36.18 51.72 -35.92
N ASN B 27 -35.68 50.66 -36.54
CA ASN B 27 -36.55 49.59 -37.00
C ASN B 27 -36.38 48.25 -36.27
N MET B 28 -35.23 48.05 -35.63
CA MET B 28 -34.95 46.77 -34.99
C MET B 28 -35.00 46.85 -33.46
N GLY B 29 -35.71 45.89 -32.87
CA GLY B 29 -36.03 45.95 -31.45
C GLY B 29 -37.52 46.22 -31.29
N LEU B 30 -37.94 46.61 -30.09
CA LEU B 30 -39.34 46.96 -29.86
C LEU B 30 -39.51 48.00 -28.77
N PRO B 35 -27.61 33.46 -44.98
CA PRO B 35 -28.50 32.50 -45.64
C PRO B 35 -27.70 31.34 -46.22
N ASN B 36 -28.30 30.15 -46.23
CA ASN B 36 -27.66 28.95 -46.74
C ASN B 36 -26.26 28.81 -46.17
N ASP B 37 -26.20 28.77 -44.84
CA ASP B 37 -24.97 28.74 -44.01
C ASP B 37 -24.56 30.11 -43.45
N PRO B 38 -25.12 30.46 -42.28
CA PRO B 38 -24.63 31.65 -41.58
C PRO B 38 -23.27 31.35 -40.94
N VAL B 39 -23.03 30.06 -40.65
CA VAL B 39 -21.82 29.63 -39.93
C VAL B 39 -20.54 30.21 -40.54
N THR B 40 -20.46 30.24 -41.87
CA THR B 40 -19.34 30.91 -42.55
C THR B 40 -19.29 32.39 -42.16
N ASN B 41 -20.44 33.06 -42.21
CA ASN B 41 -20.53 34.47 -41.86
C ASN B 41 -20.12 34.74 -40.42
N ILE B 42 -20.60 33.89 -39.50
CA ILE B 42 -20.23 33.99 -38.09
C ILE B 42 -18.71 33.90 -37.93
N CYS B 43 -18.12 32.86 -38.54
CA CYS B 43 -16.67 32.71 -38.59
C CYS B 43 -16.01 33.95 -39.19
N GLN B 44 -16.55 34.43 -40.30
CA GLN B 44 -16.04 35.66 -40.93
C GLN B 44 -16.09 36.85 -39.97
N ALA B 45 -17.18 36.97 -39.23
CA ALA B 45 -17.31 38.01 -38.23
C ALA B 45 -16.27 37.81 -37.13
N ALA B 46 -16.06 36.55 -36.75
CA ALA B 46 -15.12 36.21 -35.68
C ALA B 46 -13.70 36.64 -36.04
N ASP B 47 -13.28 36.31 -37.26
CA ASP B 47 -11.95 36.67 -37.71
C ASP B 47 -11.78 38.18 -37.80
N LYS B 48 -12.86 38.85 -38.21
CA LYS B 48 -12.86 40.30 -38.31
C LYS B 48 -12.68 40.92 -36.93
N GLN B 49 -13.38 40.36 -35.95
CA GLN B 49 -13.39 40.90 -34.60
C GLN B 49 -12.11 40.60 -33.83
N LEU B 50 -11.36 39.62 -34.30
CA LEU B 50 -10.11 39.26 -33.64
C LEU B 50 -9.06 40.34 -33.82
N PHE B 51 -9.08 41.01 -34.96
CA PHE B 51 -8.19 42.13 -35.18
C PHE B 51 -8.62 43.30 -34.31
N THR B 52 -9.94 43.44 -34.16
CA THR B 52 -10.51 44.48 -33.33
C THR B 52 -10.15 44.23 -31.88
N LEU B 53 -10.21 42.96 -31.48
CA LEU B 53 -9.97 42.56 -30.11
C LEU B 53 -8.56 42.91 -29.64
N VAL B 54 -7.60 42.77 -30.53
CA VAL B 54 -6.21 43.08 -30.20
C VAL B 54 -6.02 44.58 -29.99
N GLU B 55 -6.70 45.37 -30.82
CA GLU B 55 -6.63 46.83 -30.68
C GLU B 55 -7.38 47.28 -29.44
N TRP B 56 -8.42 46.53 -29.07
CA TRP B 56 -9.18 46.82 -27.87
C TRP B 56 -8.31 46.63 -26.62
N ALA B 57 -7.71 45.46 -26.51
CA ALA B 57 -6.91 45.11 -25.33
C ALA B 57 -5.71 46.04 -25.15
N LYS B 58 -5.17 46.54 -26.25
CA LYS B 58 -4.03 47.44 -26.19
C LYS B 58 -4.40 48.80 -25.58
N ARG B 59 -5.69 49.14 -25.65
CA ARG B 59 -6.15 50.40 -25.08
C ARG B 59 -6.50 50.24 -23.60
N ILE B 60 -6.81 49.01 -23.20
CA ILE B 60 -7.04 48.71 -21.79
C ILE B 60 -5.73 48.94 -21.03
N PRO B 61 -5.79 49.75 -19.97
CA PRO B 61 -4.62 50.18 -19.20
C PRO B 61 -3.73 49.03 -18.73
N HIS B 62 -2.42 49.23 -18.83
CA HIS B 62 -1.40 48.31 -18.33
C HIS B 62 -1.26 46.99 -19.08
N PHE B 63 -2.21 46.69 -19.96
CA PHE B 63 -2.17 45.46 -20.74
C PHE B 63 -0.96 45.46 -21.69
N SER B 64 -0.54 46.64 -22.11
CA SER B 64 0.57 46.75 -23.05
C SER B 64 1.94 46.72 -22.37
N GLU B 65 1.95 46.89 -21.05
CA GLU B 65 3.20 46.84 -20.30
C GLU B 65 3.47 45.44 -19.74
N LEU B 66 2.50 44.55 -19.92
CA LEU B 66 2.70 43.15 -19.58
C LEU B 66 3.76 42.55 -20.49
N PRO B 67 4.43 41.47 -20.04
CA PRO B 67 5.32 40.73 -20.92
C PRO B 67 4.62 40.39 -22.23
N LEU B 68 5.35 40.43 -23.33
CA LEU B 68 4.76 40.26 -24.66
C LEU B 68 3.98 38.95 -24.79
N ASP B 69 4.53 37.87 -24.24
CA ASP B 69 3.86 36.58 -24.32
C ASP B 69 2.81 36.38 -23.22
N ASP B 70 2.70 37.33 -22.31
CA ASP B 70 1.61 37.33 -21.35
C ASP B 70 0.35 37.83 -22.05
N GLN B 71 0.52 38.88 -22.86
CA GLN B 71 -0.58 39.44 -23.63
C GLN B 71 -1.16 38.41 -24.59
N VAL B 72 -0.28 37.59 -25.15
CA VAL B 72 -0.69 36.54 -26.09
C VAL B 72 -1.56 35.52 -25.37
N ILE B 73 -1.06 35.02 -24.24
CA ILE B 73 -1.75 34.00 -23.46
C ILE B 73 -3.14 34.44 -23.02
N LEU B 74 -3.25 35.68 -22.57
CA LEU B 74 -4.52 36.24 -22.14
C LEU B 74 -5.50 36.34 -23.31
N LEU B 75 -5.06 36.98 -24.39
CA LEU B 75 -5.90 37.18 -25.56
C LEU B 75 -6.34 35.85 -26.13
N ARG B 76 -5.46 34.87 -26.04
CA ARG B 76 -5.70 33.54 -26.60
C ARG B 76 -6.68 32.73 -25.79
N ALA B 77 -6.61 32.87 -24.47
CA ALA B 77 -7.47 32.12 -23.59
C ALA B 77 -8.82 32.80 -23.54
N GLY B 78 -8.83 34.10 -23.79
CA GLY B 78 -10.02 34.90 -23.61
C GLY B 78 -10.80 35.28 -24.86
N TRP B 79 -10.15 35.24 -26.02
CA TRP B 79 -10.75 35.73 -27.27
C TRP B 79 -12.15 35.19 -27.53
N ASN B 80 -12.36 33.92 -27.25
CA ASN B 80 -13.62 33.26 -27.55
C ASN B 80 -14.80 33.87 -26.80
N GLU B 81 -14.61 34.16 -25.51
CA GLU B 81 -15.67 34.74 -24.69
C GLU B 81 -15.74 36.26 -24.81
N LEU B 82 -14.61 36.87 -25.16
CA LEU B 82 -14.56 38.32 -25.36
C LEU B 82 -15.36 38.73 -26.59
N LEU B 83 -15.42 37.84 -27.58
CA LEU B 83 -16.19 38.11 -28.78
C LEU B 83 -17.67 37.80 -28.55
N ILE B 84 -17.94 36.80 -27.72
CA ILE B 84 -19.31 36.42 -27.42
C ILE B 84 -19.97 37.47 -26.55
N ALA B 85 -19.20 38.06 -25.64
CA ALA B 85 -19.69 39.15 -24.82
C ALA B 85 -20.06 40.33 -25.71
N SER B 86 -19.17 40.67 -26.63
CA SER B 86 -19.35 41.82 -27.51
C SER B 86 -20.51 41.66 -28.50
N PHE B 87 -20.74 40.46 -29.00
CA PHE B 87 -21.85 40.28 -29.94
C PHE B 87 -23.18 40.03 -29.24
N SER B 88 -23.12 39.63 -27.98
CA SER B 88 -24.34 39.42 -27.20
C SER B 88 -24.87 40.78 -26.72
N HIS B 89 -23.95 41.73 -26.59
CA HIS B 89 -24.31 43.08 -26.16
C HIS B 89 -24.85 43.90 -27.33
N ARG B 90 -24.32 43.67 -28.52
CA ARG B 90 -24.83 44.33 -29.72
C ARG B 90 -26.24 43.86 -30.01
N SER B 91 -26.53 42.62 -29.65
CA SER B 91 -27.77 41.97 -30.06
C SER B 91 -28.97 42.26 -29.16
N ILE B 92 -28.78 43.13 -28.16
CA ILE B 92 -29.92 43.56 -27.36
C ILE B 92 -30.62 44.69 -28.08
N ALA B 93 -29.94 45.24 -29.10
CA ALA B 93 -30.50 46.29 -29.93
C ALA B 93 -31.59 45.76 -30.85
N VAL B 94 -31.39 44.54 -31.34
CA VAL B 94 -32.37 43.90 -32.21
C VAL B 94 -33.44 43.17 -31.40
N LYS B 95 -34.56 42.85 -32.03
CA LYS B 95 -35.66 42.21 -31.33
C LYS B 95 -35.42 40.71 -31.16
N ASP B 96 -34.95 40.06 -32.22
CA ASP B 96 -34.66 38.63 -32.17
C ASP B 96 -33.26 38.34 -32.70
N GLY B 97 -32.83 37.10 -32.54
CA GLY B 97 -31.56 36.66 -33.09
C GLY B 97 -30.34 37.40 -32.59
N ILE B 98 -29.23 37.26 -33.29
CA ILE B 98 -28.01 37.97 -32.94
C ILE B 98 -27.44 38.81 -34.09
N LEU B 99 -26.80 39.91 -33.74
CA LEU B 99 -26.25 40.84 -34.72
C LEU B 99 -24.73 40.81 -34.71
N LEU B 100 -24.15 40.32 -35.80
CA LEU B 100 -22.70 40.26 -35.93
C LEU B 100 -22.15 41.62 -36.34
N ALA B 101 -20.85 41.83 -36.14
CA ALA B 101 -20.22 43.10 -36.45
C ALA B 101 -20.04 43.30 -37.96
N THR B 102 -20.52 42.34 -38.74
CA THR B 102 -20.55 42.46 -40.19
C THR B 102 -21.91 43.00 -40.61
N GLY B 103 -22.75 43.27 -39.61
CA GLY B 103 -24.08 43.79 -39.85
C GLY B 103 -25.11 42.69 -40.02
N LEU B 104 -24.64 41.48 -40.31
CA LEU B 104 -25.53 40.36 -40.60
C LEU B 104 -26.39 39.97 -39.40
N HIS B 105 -27.70 39.92 -39.63
CA HIS B 105 -28.64 39.53 -38.59
C HIS B 105 -29.02 38.06 -38.74
N VAL B 106 -28.70 37.25 -37.74
CA VAL B 106 -28.97 35.81 -37.79
C VAL B 106 -30.23 35.46 -37.00
N HIS B 107 -31.03 34.53 -37.52
CA HIS B 107 -32.25 34.09 -36.85
C HIS B 107 -32.14 32.65 -36.35
N ARG B 108 -33.05 32.28 -35.46
CA ARG B 108 -33.10 30.90 -34.95
C ARG B 108 -33.87 29.97 -35.88
N ASN B 109 -33.82 30.27 -37.18
CA ASN B 109 -34.23 29.34 -38.21
C ASN B 109 -33.01 29.06 -39.06
N SER B 110 -32.21 30.11 -39.26
CA SER B 110 -30.94 30.00 -39.95
C SER B 110 -29.91 29.42 -38.99
N ALA B 111 -30.26 29.34 -37.72
CA ALA B 111 -29.39 28.77 -36.70
C ALA B 111 -29.79 27.34 -36.36
N HIS B 112 -31.10 27.07 -36.41
CA HIS B 112 -31.62 25.74 -36.15
C HIS B 112 -31.38 24.79 -37.32
N SER B 113 -31.42 25.33 -38.54
CA SER B 113 -31.22 24.51 -39.73
C SER B 113 -29.74 24.41 -40.08
N ALA B 114 -28.91 25.11 -39.32
CA ALA B 114 -27.46 25.05 -39.52
C ALA B 114 -26.80 24.24 -38.41
N GLY B 115 -27.60 23.70 -37.52
CA GLY B 115 -27.11 22.86 -36.45
C GLY B 115 -26.81 23.59 -35.16
N VAL B 116 -26.52 24.88 -35.26
CA VAL B 116 -26.16 25.68 -34.09
C VAL B 116 -27.39 26.22 -33.35
N GLY B 117 -28.49 25.46 -33.41
CA GLY B 117 -29.73 25.85 -32.76
C GLY B 117 -29.59 26.11 -31.26
N ALA B 118 -29.38 25.03 -30.50
CA ALA B 118 -29.38 25.09 -29.04
C ALA B 118 -28.42 26.14 -28.46
N ILE B 119 -27.23 26.25 -29.04
CA ILE B 119 -26.21 27.17 -28.55
C ILE B 119 -26.61 28.63 -28.79
N PHE B 120 -27.21 28.88 -29.96
CA PHE B 120 -27.67 30.19 -30.37
C PHE B 120 -28.79 30.66 -29.46
N ASP B 121 -29.77 29.79 -29.24
CA ASP B 121 -30.90 30.10 -28.38
C ASP B 121 -30.42 30.30 -26.95
N ARG B 122 -29.35 29.58 -26.60
CA ARG B 122 -28.76 29.71 -25.30
C ARG B 122 -28.18 31.11 -25.11
N VAL B 123 -27.41 31.58 -26.09
CA VAL B 123 -26.88 32.95 -26.07
C VAL B 123 -28.02 33.97 -25.94
N LEU B 124 -29.08 33.76 -26.71
CA LEU B 124 -30.30 34.57 -26.61
C LEU B 124 -30.81 34.66 -25.18
N THR B 125 -31.35 33.56 -24.68
CA THR B 125 -32.02 33.52 -23.38
C THR B 125 -31.09 33.63 -22.15
N GLU B 126 -29.78 33.49 -22.36
CA GLU B 126 -28.83 33.54 -21.25
C GLU B 126 -27.93 34.77 -21.27
N LEU B 127 -27.67 35.29 -22.46
CA LEU B 127 -26.78 36.45 -22.60
C LEU B 127 -27.50 37.68 -23.13
N VAL B 128 -28.19 37.53 -24.25
CA VAL B 128 -28.90 38.67 -24.82
C VAL B 128 -30.07 39.07 -23.93
N SER B 129 -30.90 38.08 -23.58
CA SER B 129 -32.12 38.35 -22.82
C SER B 129 -31.87 38.83 -21.39
N LYS B 130 -30.62 38.80 -20.96
CA LYS B 130 -30.29 39.24 -19.61
C LYS B 130 -29.52 40.54 -19.60
N MET B 131 -28.70 40.77 -20.63
CA MET B 131 -28.01 42.04 -20.78
C MET B 131 -29.02 43.12 -21.13
N ARG B 132 -30.14 42.69 -21.70
CA ARG B 132 -31.23 43.59 -22.06
C ARG B 132 -32.09 43.93 -20.85
N ASP B 133 -32.57 42.90 -20.16
CA ASP B 133 -33.48 43.08 -19.03
C ASP B 133 -32.84 43.85 -17.87
N MET B 134 -31.53 43.74 -17.72
CA MET B 134 -30.84 44.48 -16.69
C MET B 134 -30.23 45.74 -17.27
N GLN B 135 -30.50 45.97 -18.55
CA GLN B 135 -29.98 47.15 -19.27
C GLN B 135 -28.47 47.33 -19.07
N MET B 136 -27.72 46.29 -19.41
CA MET B 136 -26.26 46.29 -19.34
C MET B 136 -25.65 47.44 -20.14
N ASP B 137 -25.04 48.40 -19.45
CA ASP B 137 -24.38 49.50 -20.14
C ASP B 137 -23.02 49.07 -20.66
N LYS B 138 -22.42 49.92 -21.50
CA LYS B 138 -21.17 49.57 -22.19
C LYS B 138 -19.94 49.58 -21.27
N THR B 139 -19.92 50.47 -20.29
CA THR B 139 -18.80 50.56 -19.37
C THR B 139 -18.67 49.28 -18.56
N GLU B 140 -19.81 48.69 -18.24
CA GLU B 140 -19.84 47.42 -17.53
C GLU B 140 -19.39 46.27 -18.43
N LEU B 141 -19.60 46.42 -19.73
CA LEU B 141 -19.14 45.43 -20.70
C LEU B 141 -17.63 45.44 -20.80
N GLY B 142 -17.06 46.63 -20.98
CA GLY B 142 -15.63 46.79 -21.09
C GLY B 142 -14.92 46.35 -19.83
N CYS B 143 -15.63 46.38 -18.71
CA CYS B 143 -15.08 45.94 -17.44
C CYS B 143 -15.17 44.43 -17.27
N LEU B 144 -16.34 43.87 -17.58
CA LEU B 144 -16.52 42.43 -17.55
C LEU B 144 -15.57 41.75 -18.53
N ARG B 145 -15.38 42.39 -19.68
CA ARG B 145 -14.47 41.86 -20.68
C ARG B 145 -13.02 42.00 -20.22
N ALA B 146 -12.72 43.10 -19.53
CA ALA B 146 -11.38 43.31 -19.00
C ALA B 146 -11.08 42.29 -17.90
N ILE B 147 -12.16 41.80 -17.28
CA ILE B 147 -12.05 40.75 -16.28
C ILE B 147 -11.80 39.40 -16.95
N VAL B 148 -12.63 39.08 -17.94
CA VAL B 148 -12.48 37.83 -18.69
C VAL B 148 -11.10 37.77 -19.33
N LEU B 149 -10.64 38.92 -19.83
CA LEU B 149 -9.31 39.02 -20.42
C LEU B 149 -8.23 38.75 -19.38
N PHE B 150 -8.26 39.49 -18.28
CA PHE B 150 -7.27 39.36 -17.22
C PHE B 150 -7.48 38.12 -16.36
N ASN B 151 -7.42 36.96 -17.00
CA ASN B 151 -7.56 35.68 -16.31
C ASN B 151 -6.19 35.13 -15.95
N PRO B 152 -5.83 35.17 -14.66
CA PRO B 152 -4.51 34.73 -14.20
C PRO B 152 -4.42 33.22 -14.04
N ASP B 153 -5.52 32.52 -14.28
CA ASP B 153 -5.52 31.06 -14.24
C ASP B 153 -5.23 30.49 -15.63
N SER B 154 -4.43 31.21 -16.39
CA SER B 154 -4.05 30.80 -17.73
C SER B 154 -2.61 30.33 -17.74
N LYS B 155 -2.36 29.20 -18.41
CA LYS B 155 -1.06 28.56 -18.37
C LYS B 155 0.01 29.41 -19.05
N GLY B 156 1.18 29.49 -18.41
CA GLY B 156 2.34 30.11 -19.04
C GLY B 156 2.64 31.54 -18.61
N LEU B 157 1.71 32.15 -17.88
CA LEU B 157 1.87 33.56 -17.50
C LEU B 157 3.15 33.81 -16.72
N SER B 158 3.96 34.74 -17.23
CA SER B 158 5.23 35.12 -16.60
C SER B 158 5.03 35.53 -15.16
N ASN B 159 3.95 36.27 -14.91
CA ASN B 159 3.66 36.79 -13.58
C ASN B 159 2.16 36.80 -13.33
N PRO B 160 1.59 35.64 -12.97
CA PRO B 160 0.14 35.49 -12.76
C PRO B 160 -0.41 36.44 -11.70
N ALA B 161 0.46 36.96 -10.83
CA ALA B 161 0.01 37.88 -9.78
C ALA B 161 0.00 39.33 -10.24
N GLU B 162 0.46 39.58 -11.46
CA GLU B 162 0.28 40.89 -12.08
C GLU B 162 -1.07 40.92 -12.78
N VAL B 163 -1.36 39.84 -13.50
CA VAL B 163 -2.66 39.68 -14.13
C VAL B 163 -3.73 39.56 -13.04
N GLU B 164 -3.33 39.02 -11.89
CA GLU B 164 -4.20 38.95 -10.73
C GLU B 164 -4.51 40.36 -10.25
N ALA B 165 -3.46 41.16 -10.11
CA ALA B 165 -3.58 42.54 -9.64
C ALA B 165 -4.43 43.39 -10.57
N LEU B 166 -4.27 43.18 -11.89
CA LEU B 166 -4.99 43.96 -12.87
C LEU B 166 -6.48 43.64 -12.93
N ARG B 167 -6.82 42.37 -12.76
CA ARG B 167 -8.22 41.97 -12.69
C ARG B 167 -8.87 42.57 -11.44
N GLU B 168 -8.09 42.66 -10.37
CA GLU B 168 -8.57 43.26 -9.12
C GLU B 168 -8.87 44.74 -9.32
N LYS B 169 -7.97 45.44 -10.00
CA LYS B 169 -8.15 46.86 -10.26
C LYS B 169 -9.36 47.13 -11.14
N VAL B 170 -9.65 46.20 -12.04
CA VAL B 170 -10.87 46.25 -12.84
C VAL B 170 -12.07 45.95 -11.95
N TYR B 171 -11.94 44.92 -11.12
CA TYR B 171 -12.97 44.54 -10.16
C TYR B 171 -13.31 45.72 -9.25
N ALA B 172 -12.27 46.43 -8.81
CA ALA B 172 -12.45 47.58 -7.93
C ALA B 172 -13.12 48.74 -8.67
N SER B 173 -12.62 49.05 -9.86
CA SER B 173 -13.15 50.15 -10.65
C SER B 173 -14.59 49.92 -11.09
N LEU B 174 -14.89 48.69 -11.52
CA LEU B 174 -16.26 48.35 -11.91
C LEU B 174 -17.17 48.39 -10.69
N GLU B 175 -16.61 48.05 -9.53
CA GLU B 175 -17.37 48.08 -8.28
C GLU B 175 -17.76 49.52 -7.95
N ALA B 176 -16.78 50.42 -8.03
CA ALA B 176 -17.00 51.83 -7.74
C ALA B 176 -17.98 52.44 -8.72
N TYR B 177 -17.79 52.15 -10.00
CA TYR B 177 -18.68 52.65 -11.04
C TYR B 177 -20.10 52.16 -10.85
N CYS B 178 -20.27 50.85 -10.77
CA CYS B 178 -21.59 50.22 -10.71
C CYS B 178 -22.40 50.70 -9.50
N LYS B 179 -21.71 51.17 -8.47
CA LYS B 179 -22.38 51.77 -7.31
C LYS B 179 -22.84 53.18 -7.66
N HIS B 180 -21.91 53.95 -8.21
CA HIS B 180 -22.15 55.35 -8.56
C HIS B 180 -23.28 55.49 -9.58
N LYS B 181 -23.20 54.73 -10.66
CA LYS B 181 -24.16 54.85 -11.75
C LYS B 181 -25.48 54.18 -11.44
N TYR B 182 -25.45 53.10 -10.65
CA TYR B 182 -26.66 52.35 -10.34
C TYR B 182 -26.80 52.07 -8.84
N PRO B 183 -27.31 53.07 -8.09
CA PRO B 183 -27.49 52.93 -6.64
C PRO B 183 -28.74 52.14 -6.29
N GLU B 184 -29.83 52.37 -7.03
CA GLU B 184 -31.09 51.71 -6.75
C GLU B 184 -31.00 50.21 -7.03
N GLN B 185 -30.05 49.82 -7.87
CA GLN B 185 -29.75 48.42 -8.12
C GLN B 185 -28.51 48.03 -7.32
N PRO B 186 -28.73 47.43 -6.14
CA PRO B 186 -27.67 47.18 -5.16
C PRO B 186 -26.82 45.95 -5.49
N GLY B 187 -27.44 44.93 -6.05
CA GLY B 187 -26.73 43.71 -6.41
C GLY B 187 -26.46 43.63 -7.90
N ARG B 188 -26.31 44.79 -8.53
CA ARG B 188 -26.07 44.83 -9.96
C ARG B 188 -24.67 44.30 -10.30
N PHE B 189 -23.68 44.72 -9.51
CA PHE B 189 -22.29 44.31 -9.70
C PHE B 189 -22.13 42.79 -9.65
N ALA B 190 -22.97 42.13 -8.85
CA ALA B 190 -22.90 40.68 -8.68
C ALA B 190 -23.51 39.94 -9.87
N LYS B 191 -24.70 40.37 -10.30
CA LYS B 191 -25.36 39.72 -11.43
C LYS B 191 -24.59 39.95 -12.73
N LEU B 192 -23.71 40.94 -12.72
CA LEU B 192 -22.78 41.13 -13.82
C LEU B 192 -21.79 39.97 -13.83
N LEU B 193 -21.16 39.75 -12.67
CA LEU B 193 -20.19 38.67 -12.52
C LEU B 193 -20.85 37.30 -12.62
N LEU B 194 -22.15 37.25 -12.32
CA LEU B 194 -22.92 36.01 -12.39
C LEU B 194 -23.06 35.55 -13.84
N ARG B 195 -22.79 36.46 -14.78
CA ARG B 195 -22.85 36.14 -16.20
C ARG B 195 -21.58 35.44 -16.66
N LEU B 196 -20.52 35.56 -15.87
CA LEU B 196 -19.22 34.96 -16.21
C LEU B 196 -19.26 33.43 -16.40
N PRO B 197 -19.80 32.69 -15.42
CA PRO B 197 -19.86 31.24 -15.66
C PRO B 197 -20.86 30.89 -16.77
N ALA B 198 -21.86 31.74 -16.97
CA ALA B 198 -22.80 31.54 -18.05
C ALA B 198 -22.10 31.79 -19.39
N LEU B 199 -21.17 32.72 -19.39
CA LEU B 199 -20.40 33.07 -20.58
C LEU B 199 -19.39 31.97 -20.94
N ARG B 200 -18.80 31.37 -19.91
CA ARG B 200 -17.84 30.30 -20.11
C ARG B 200 -18.51 29.06 -20.69
N SER B 201 -19.64 28.68 -20.09
CA SER B 201 -20.34 27.47 -20.49
C SER B 201 -20.88 27.57 -21.92
N ILE B 202 -21.15 28.80 -22.35
CA ILE B 202 -21.56 29.06 -23.73
C ILE B 202 -20.35 29.13 -24.64
N GLY B 203 -19.30 29.81 -24.17
CA GLY B 203 -18.07 29.95 -24.92
C GLY B 203 -17.44 28.62 -25.29
N LEU B 204 -17.41 27.70 -24.34
CA LEU B 204 -16.84 26.38 -24.59
C LEU B 204 -17.73 25.53 -25.48
N LYS B 205 -19.00 25.89 -25.57
CA LYS B 205 -19.92 25.21 -26.48
C LYS B 205 -19.74 25.77 -27.89
N CYS B 206 -19.18 26.97 -27.97
CA CYS B 206 -18.93 27.61 -29.26
C CYS B 206 -17.67 27.06 -29.94
N LEU B 207 -16.61 26.88 -29.16
CA LEU B 207 -15.40 26.24 -29.67
C LEU B 207 -15.72 24.80 -30.01
N GLU B 208 -16.65 24.22 -29.25
CA GLU B 208 -17.16 22.89 -29.49
C GLU B 208 -17.88 22.84 -30.84
N HIS B 209 -18.23 24.01 -31.37
CA HIS B 209 -18.82 24.11 -32.70
C HIS B 209 -17.79 24.54 -33.74
N LEU B 210 -16.92 25.48 -33.38
CA LEU B 210 -15.87 25.93 -34.28
C LEU B 210 -14.96 24.77 -34.67
N PHE B 211 -14.59 23.96 -33.68
CA PHE B 211 -13.73 22.80 -33.93
C PHE B 211 -14.45 21.72 -34.72
N PHE B 212 -15.78 21.70 -34.63
CA PHE B 212 -16.57 20.70 -35.32
C PHE B 212 -16.72 21.06 -36.80
N PHE B 213 -16.83 22.34 -37.09
CA PHE B 213 -16.96 22.80 -38.47
C PHE B 213 -15.60 22.90 -39.14
N LYS B 214 -14.56 23.15 -38.34
CA LYS B 214 -13.19 23.14 -38.84
C LYS B 214 -12.82 21.73 -39.26
N LEU B 215 -13.37 20.75 -38.54
CA LEU B 215 -13.10 19.35 -38.81
C LEU B 215 -13.75 18.91 -40.12
N ILE B 216 -14.98 19.35 -40.35
CA ILE B 216 -15.69 19.05 -41.59
C ILE B 216 -14.92 19.61 -42.78
N GLY B 217 -14.34 20.80 -42.59
CA GLY B 217 -13.55 21.44 -43.63
C GLY B 217 -14.41 22.25 -44.57
N ASP B 218 -15.71 21.98 -44.56
CA ASP B 218 -16.66 22.69 -45.41
C ASP B 218 -17.16 23.95 -44.71
N THR B 219 -16.23 24.68 -44.09
CA THR B 219 -16.53 25.93 -43.42
C THR B 219 -15.28 26.80 -43.45
N PRO B 220 -15.19 27.69 -44.45
CA PRO B 220 -14.04 28.58 -44.66
C PRO B 220 -13.66 29.36 -43.41
N ILE B 221 -12.42 29.18 -42.97
CA ILE B 221 -11.93 29.84 -41.76
C ILE B 221 -10.68 30.65 -42.08
N ASP B 222 -10.71 31.93 -41.74
CA ASP B 222 -9.66 32.87 -42.12
C ASP B 222 -8.43 32.79 -41.22
N THR B 223 -7.39 33.51 -41.60
CA THR B 223 -6.07 33.40 -40.96
C THR B 223 -6.05 33.54 -39.44
N PHE B 224 -6.61 34.63 -38.93
CA PHE B 224 -6.55 34.89 -37.50
C PHE B 224 -7.42 33.93 -36.69
N LEU B 225 -8.63 33.67 -37.19
CA LEU B 225 -9.50 32.69 -36.53
C LEU B 225 -8.84 31.32 -36.54
N MET B 226 -8.14 31.02 -37.63
CA MET B 226 -7.41 29.77 -37.76
C MET B 226 -6.20 29.77 -36.81
N GLU B 227 -5.62 30.94 -36.59
CA GLU B 227 -4.48 31.07 -35.71
C GLU B 227 -4.90 30.97 -34.24
N MET B 228 -6.21 31.08 -34.01
CA MET B 228 -6.74 30.99 -32.66
C MET B 228 -7.22 29.58 -32.36
N LEU B 229 -7.54 28.83 -33.41
CA LEU B 229 -8.06 27.48 -33.23
C LEU B 229 -6.97 26.42 -33.29
N GLU B 230 -5.76 26.84 -33.68
CA GLU B 230 -4.64 25.91 -33.71
C GLU B 230 -3.79 26.06 -32.45
N ALA B 231 -3.15 24.97 -32.06
CA ALA B 231 -2.33 24.94 -30.86
C ALA B 231 -1.16 25.91 -30.97
N PRO B 232 -0.69 26.42 -29.82
CA PRO B 232 0.54 27.22 -29.84
C PRO B 232 1.72 26.35 -30.26
N ARG B 250 2.53 29.12 -34.97
CA ARG B 250 1.76 29.30 -33.74
C ARG B 250 0.82 30.48 -33.88
N HIS B 251 1.24 31.58 -33.25
CA HIS B 251 0.59 32.86 -33.33
C HIS B 251 1.62 33.90 -33.70
N LYS B 252 1.56 34.36 -34.95
CA LYS B 252 2.52 35.33 -35.44
C LYS B 252 1.80 36.64 -35.65
N ILE B 253 0.57 36.55 -36.15
CA ILE B 253 -0.28 37.71 -36.32
C ILE B 253 -0.48 38.39 -34.97
N LEU B 254 -0.98 37.61 -34.01
CA LEU B 254 -1.21 38.06 -32.65
C LEU B 254 0.07 38.65 -32.06
N HIS B 255 1.17 37.93 -32.19
CA HIS B 255 2.45 38.33 -31.63
C HIS B 255 2.99 39.59 -32.30
N ARG B 256 2.56 39.84 -33.54
CA ARG B 256 2.99 41.02 -34.29
C ARG B 256 2.17 42.25 -33.93
N LEU B 257 0.85 42.07 -33.87
CA LEU B 257 -0.07 43.17 -33.62
C LEU B 257 0.19 43.86 -32.28
N LEU B 258 0.66 43.09 -31.30
CA LEU B 258 0.86 43.61 -29.95
C LEU B 258 2.04 44.56 -29.85
N GLN B 259 3.01 44.41 -30.75
CA GLN B 259 4.21 45.24 -30.72
C GLN B 259 4.09 46.43 -31.66
N GLU B 260 2.85 46.78 -32.00
CA GLU B 260 2.59 47.90 -32.91
C GLU B 260 1.90 49.06 -32.20
N GLN C 15 31.54 -30.75 -8.29
CA GLN C 15 32.66 -31.50 -8.84
C GLN C 15 33.48 -32.15 -7.73
N GLY C 16 34.38 -33.05 -8.09
CA GLY C 16 35.29 -33.66 -7.13
C GLY C 16 34.52 -34.55 -6.19
N LEU C 17 33.40 -35.07 -6.69
CA LEU C 17 32.51 -35.88 -5.89
C LEU C 17 32.52 -37.31 -6.39
N THR C 18 31.76 -38.15 -5.72
CA THR C 18 31.49 -39.50 -6.20
C THR C 18 30.30 -39.40 -7.13
N GLU C 19 30.15 -40.38 -8.02
CA GLU C 19 29.02 -40.39 -8.93
C GLU C 19 27.71 -40.49 -8.13
N GLU C 20 27.72 -41.37 -7.13
CA GLU C 20 26.55 -41.54 -6.27
C GLU C 20 26.20 -40.26 -5.50
N GLN C 21 27.23 -39.48 -5.16
CA GLN C 21 27.03 -38.23 -4.46
C GLN C 21 26.44 -37.17 -5.39
N ARG C 22 27.01 -37.03 -6.58
CA ARG C 22 26.52 -36.06 -7.56
C ARG C 22 25.16 -36.44 -8.12
N MET C 23 24.84 -37.74 -8.12
CA MET C 23 23.56 -38.21 -8.61
C MET C 23 22.49 -38.16 -7.53
N MET C 24 22.88 -37.74 -6.33
CA MET C 24 21.93 -37.54 -5.24
C MET C 24 21.59 -36.07 -5.10
N ILE C 25 22.53 -35.19 -5.45
CA ILE C 25 22.25 -33.77 -5.55
C ILE C 25 21.29 -33.56 -6.72
N ARG C 26 21.58 -34.24 -7.82
CA ARG C 26 20.75 -34.19 -9.01
C ARG C 26 19.32 -34.63 -8.72
N GLU C 27 19.16 -35.60 -7.82
CA GLU C 27 17.83 -36.08 -7.47
C GLU C 27 17.11 -35.08 -6.57
N LEU C 28 17.87 -34.24 -5.88
CA LEU C 28 17.28 -33.23 -5.02
C LEU C 28 16.93 -31.98 -5.81
N MET C 29 17.89 -31.52 -6.60
CA MET C 29 17.68 -30.36 -7.44
C MET C 29 16.53 -30.64 -8.39
N ASP C 30 16.36 -31.90 -8.76
CA ASP C 30 15.21 -32.34 -9.55
C ASP C 30 13.94 -32.12 -8.74
N ALA C 31 13.86 -32.78 -7.59
CA ALA C 31 12.71 -32.70 -6.72
C ALA C 31 12.40 -31.26 -6.30
N GLN C 32 13.44 -30.44 -6.24
CA GLN C 32 13.28 -29.03 -5.87
C GLN C 32 12.47 -28.29 -6.92
N MET C 33 13.06 -28.08 -8.10
CA MET C 33 12.40 -27.32 -9.17
C MET C 33 11.11 -27.98 -9.62
N LYS C 34 10.99 -29.29 -9.40
CA LYS C 34 9.78 -30.01 -9.78
C LYS C 34 8.65 -29.78 -8.78
N THR C 35 8.97 -29.28 -7.59
CA THR C 35 7.96 -29.03 -6.58
C THR C 35 8.14 -27.68 -5.88
N PHE C 36 9.10 -26.88 -6.35
CA PHE C 36 9.27 -25.55 -5.78
C PHE C 36 9.20 -24.47 -6.85
N ASP C 37 7.99 -23.94 -7.04
CA ASP C 37 7.77 -22.85 -7.97
C ASP C 37 8.17 -21.54 -7.32
N THR C 38 9.30 -20.98 -7.77
CA THR C 38 9.84 -19.75 -7.21
C THR C 38 8.89 -18.57 -7.36
N THR C 39 7.88 -18.72 -8.20
CA THR C 39 6.98 -17.61 -8.52
C THR C 39 5.62 -17.74 -7.83
N PHE C 40 5.36 -18.90 -7.24
CA PHE C 40 4.12 -19.14 -6.48
C PHE C 40 2.89 -18.93 -7.35
N SER C 41 3.02 -19.24 -8.64
CA SER C 41 1.98 -18.96 -9.62
C SER C 41 0.67 -19.68 -9.32
N HIS C 42 0.75 -20.91 -8.83
CA HIS C 42 -0.46 -21.68 -8.57
C HIS C 42 -1.00 -21.49 -7.16
N PHE C 43 -0.45 -20.50 -6.45
CA PHE C 43 -0.98 -20.13 -5.15
C PHE C 43 -2.17 -19.18 -5.35
N LYS C 44 -3.38 -19.73 -5.21
CA LYS C 44 -4.59 -18.98 -5.52
C LYS C 44 -5.67 -19.18 -4.45
N ASN C 45 -6.76 -18.41 -4.58
CA ASN C 45 -7.93 -18.53 -3.71
C ASN C 45 -7.61 -18.33 -2.23
N PHE C 46 -6.46 -17.75 -1.96
CA PHE C 46 -6.01 -17.57 -0.58
C PHE C 46 -6.67 -16.37 0.08
N ARG C 47 -7.12 -16.57 1.32
CA ARG C 47 -7.80 -15.53 2.07
C ARG C 47 -6.87 -14.37 2.42
N LEU C 48 -7.45 -13.19 2.60
CA LEU C 48 -6.69 -11.98 2.89
C LEU C 48 -7.34 -11.20 4.02
N PRO C 49 -6.56 -10.37 4.72
CA PRO C 49 -7.15 -9.46 5.72
C PRO C 49 -8.07 -8.45 5.04
N GLY C 50 -9.37 -8.66 5.16
CA GLY C 50 -10.36 -7.90 4.41
C GLY C 50 -10.46 -6.42 4.69
N VAL C 51 -11.54 -5.82 4.19
CA VAL C 51 -11.77 -4.38 4.31
C VAL C 51 -12.49 -4.03 5.61
N SER C 66 -10.69 -13.77 32.34
CA SER C 66 -9.87 -14.46 33.33
C SER C 66 -8.57 -13.70 33.57
N ARG C 67 -7.69 -14.30 34.38
CA ARG C 67 -6.37 -13.75 34.61
C ARG C 67 -5.35 -14.61 33.88
N GLU C 68 -5.73 -15.86 33.63
CA GLU C 68 -4.89 -16.78 32.86
C GLU C 68 -5.08 -16.54 31.37
N GLU C 69 -6.34 -16.35 30.97
CA GLU C 69 -6.67 -16.11 29.56
C GLU C 69 -6.08 -14.80 29.08
N ALA C 70 -5.74 -13.92 30.01
CA ALA C 70 -5.10 -12.66 29.69
C ALA C 70 -3.60 -12.84 29.55
N ALA C 71 -3.02 -13.71 30.40
CA ALA C 71 -1.60 -14.01 30.34
C ALA C 71 -1.27 -14.76 29.06
N LYS C 72 -2.26 -15.50 28.54
CA LYS C 72 -2.13 -16.18 27.26
C LYS C 72 -1.97 -15.16 26.15
N TRP C 73 -2.98 -14.31 26.01
CA TRP C 73 -3.00 -13.24 25.01
C TRP C 73 -1.76 -12.34 25.13
N SER C 74 -1.30 -12.14 26.37
CA SER C 74 -0.13 -11.32 26.62
C SER C 74 1.10 -11.90 25.94
N GLN C 75 1.20 -13.24 25.95
CA GLN C 75 2.33 -13.93 25.34
C GLN C 75 2.15 -14.07 23.83
N VAL C 76 0.92 -14.36 23.41
CA VAL C 76 0.59 -14.49 22.00
C VAL C 76 0.89 -13.18 21.26
N ARG C 77 0.70 -12.06 21.95
CA ARG C 77 1.04 -10.76 21.39
C ARG C 77 2.54 -10.63 21.15
N LYS C 78 3.33 -11.11 22.10
CA LYS C 78 4.79 -11.01 22.00
C LYS C 78 5.36 -11.92 20.91
N ASP C 79 4.59 -12.93 20.52
CA ASP C 79 4.98 -13.75 19.39
C ASP C 79 4.92 -12.90 18.15
N LEU C 80 3.70 -12.52 17.80
CA LEU C 80 3.41 -11.89 16.53
C LEU C 80 3.96 -10.47 16.43
N CYS C 81 4.35 -9.87 17.56
CA CYS C 81 4.81 -8.49 17.58
C CYS C 81 6.11 -8.30 16.81
N SER C 82 7.11 -9.12 17.10
CA SER C 82 8.39 -9.09 16.40
C SER C 82 8.24 -9.62 14.98
N LEU C 83 7.04 -10.09 14.65
CA LEU C 83 6.76 -10.71 13.36
C LEU C 83 5.65 -9.96 12.63
N LYS C 84 5.86 -8.66 12.44
CA LYS C 84 4.90 -7.85 11.70
C LYS C 84 5.43 -7.52 10.32
N VAL C 85 4.62 -7.79 9.30
CA VAL C 85 5.02 -7.60 7.92
C VAL C 85 3.94 -6.95 7.08
N SER C 86 4.36 -6.17 6.08
CA SER C 86 3.44 -5.64 5.08
C SER C 86 3.25 -6.70 4.00
N LEU C 87 2.07 -6.71 3.38
CA LEU C 87 1.74 -7.72 2.40
C LEU C 87 1.62 -7.12 1.00
N GLN C 88 2.73 -6.63 0.47
CA GLN C 88 2.74 -6.06 -0.88
C GLN C 88 2.39 -7.11 -1.93
N LEU C 89 1.20 -6.96 -2.51
CA LEU C 89 0.71 -7.92 -3.49
C LEU C 89 0.57 -7.26 -4.87
N ARG C 90 1.21 -7.86 -5.86
CA ARG C 90 1.21 -7.31 -7.21
C ARG C 90 0.24 -8.04 -8.14
N GLY C 91 -0.39 -7.27 -9.05
CA GLY C 91 -1.26 -7.84 -10.05
C GLY C 91 -0.62 -7.83 -11.42
N GLU C 92 -1.19 -8.61 -12.34
CA GLU C 92 -0.61 -8.81 -13.68
C GLU C 92 -0.33 -7.50 -14.44
N ASP C 93 -1.13 -6.49 -14.17
CA ASP C 93 -1.07 -5.20 -14.86
C ASP C 93 0.09 -4.33 -14.40
N GLY C 94 0.39 -4.35 -13.11
CA GLY C 94 1.39 -3.48 -12.53
C GLY C 94 0.78 -2.69 -11.40
N SER C 95 -0.52 -2.92 -11.18
CA SER C 95 -1.18 -2.43 -9.99
C SER C 95 -0.52 -3.14 -8.82
N VAL C 96 -0.08 -2.38 -7.83
CA VAL C 96 0.44 -2.98 -6.62
C VAL C 96 -0.54 -2.72 -5.49
N TRP C 97 -1.02 -3.79 -4.87
CA TRP C 97 -1.79 -3.66 -3.65
C TRP C 97 -0.80 -3.72 -2.50
N ASN C 98 -1.22 -3.23 -1.34
CA ASN C 98 -0.33 -3.22 -0.19
C ASN C 98 -1.10 -3.22 1.12
N TYR C 99 -0.83 -4.21 1.96
CA TYR C 99 -1.49 -4.30 3.24
C TYR C 99 -0.54 -4.02 4.40
N LYS C 100 -0.70 -2.85 5.01
CA LYS C 100 0.04 -2.53 6.22
C LYS C 100 -0.78 -2.98 7.41
N PRO C 101 -0.26 -3.92 8.21
CA PRO C 101 -0.99 -4.49 9.35
C PRO C 101 -1.26 -3.45 10.43
N PRO C 102 -2.23 -3.71 11.31
CA PRO C 102 -2.56 -2.79 12.40
C PRO C 102 -1.40 -2.67 13.40
N ALA C 103 -1.53 -1.74 14.33
CA ALA C 103 -0.56 -1.60 15.41
C ALA C 103 -1.01 -2.46 16.58
N ASP C 104 -0.09 -2.70 17.52
CA ASP C 104 -0.36 -3.63 18.61
C ASP C 104 -1.44 -3.13 19.55
N SER C 105 -2.50 -3.93 19.70
CA SER C 105 -3.55 -3.70 20.67
C SER C 105 -4.17 -5.04 21.03
N GLY C 106 -5.27 -5.01 21.76
CA GLY C 106 -5.98 -6.22 22.12
C GLY C 106 -6.88 -6.68 20.99
N GLY C 107 -7.69 -7.70 21.25
CA GLY C 107 -8.67 -8.16 20.28
C GLY C 107 -8.10 -8.78 19.02
N LYS C 108 -8.97 -9.16 18.10
CA LYS C 108 -8.55 -10.00 16.98
C LYS C 108 -8.16 -9.32 15.67
N GLU C 109 -6.90 -8.90 15.57
CA GLU C 109 -6.39 -8.41 14.29
C GLU C 109 -5.23 -9.20 13.67
N ILE C 110 -4.20 -9.53 14.45
CA ILE C 110 -3.06 -10.23 13.88
C ILE C 110 -3.54 -11.60 13.42
N PHE C 111 -4.64 -12.02 14.02
CA PHE C 111 -5.43 -13.14 13.55
C PHE C 111 -5.86 -12.99 12.10
N SER C 112 -5.86 -11.76 11.58
CA SER C 112 -6.31 -11.48 10.20
C SER C 112 -5.26 -11.85 9.17
N LEU C 113 -4.00 -11.57 9.48
CA LEU C 113 -2.93 -11.99 8.60
C LEU C 113 -2.82 -13.51 8.69
N LEU C 114 -3.47 -14.08 9.71
CA LEU C 114 -3.39 -15.51 9.97
C LEU C 114 -4.20 -16.45 9.04
N PRO C 115 -5.42 -16.05 8.59
CA PRO C 115 -5.93 -17.01 7.60
C PRO C 115 -5.15 -16.92 6.30
N HIS C 116 -4.56 -15.76 6.02
CA HIS C 116 -3.69 -15.69 4.84
C HIS C 116 -2.49 -16.62 5.02
N MET C 117 -1.89 -16.57 6.21
CA MET C 117 -0.74 -17.42 6.52
C MET C 117 -1.13 -18.88 6.48
N ALA C 118 -2.28 -19.20 7.04
CA ALA C 118 -2.79 -20.57 7.01
C ALA C 118 -2.86 -21.12 5.59
N ASP C 119 -3.30 -20.29 4.65
CA ASP C 119 -3.43 -20.71 3.26
C ASP C 119 -2.08 -20.79 2.54
N MET C 120 -1.15 -19.92 2.91
CA MET C 120 0.20 -19.96 2.37
C MET C 120 0.86 -21.25 2.81
N SER C 121 0.54 -21.69 4.03
CA SER C 121 1.05 -22.94 4.56
C SER C 121 0.60 -24.14 3.73
N THR C 122 -0.70 -24.22 3.49
CA THR C 122 -1.29 -25.34 2.76
C THR C 122 -0.68 -25.48 1.36
N TYR C 123 -0.19 -24.37 0.82
CA TYR C 123 0.48 -24.37 -0.46
C TYR C 123 1.96 -24.74 -0.31
N MET C 124 2.57 -24.28 0.78
CA MET C 124 3.97 -24.59 1.02
C MET C 124 4.15 -26.05 1.40
N PHE C 125 3.31 -26.53 2.31
CA PHE C 125 3.35 -27.91 2.75
C PHE C 125 3.07 -28.86 1.60
N LYS C 126 2.04 -28.57 0.82
CA LYS C 126 1.69 -29.41 -0.32
C LYS C 126 2.89 -29.59 -1.26
N GLY C 127 3.68 -28.52 -1.40
CA GLY C 127 4.88 -28.56 -2.22
C GLY C 127 6.05 -29.17 -1.48
N ILE C 128 5.87 -29.45 -0.19
CA ILE C 128 6.88 -30.11 0.60
C ILE C 128 6.61 -31.61 0.61
N ILE C 129 5.34 -31.97 0.76
CA ILE C 129 4.89 -33.35 0.73
C ILE C 129 4.97 -33.91 -0.70
N SER C 130 5.49 -33.10 -1.62
CA SER C 130 5.69 -33.52 -2.99
C SER C 130 7.17 -33.50 -3.31
N PHE C 131 7.91 -32.67 -2.58
CA PHE C 131 9.36 -32.65 -2.67
C PHE C 131 9.89 -33.97 -2.14
N ALA C 132 9.38 -34.37 -0.98
CA ALA C 132 9.75 -35.63 -0.36
C ALA C 132 9.20 -36.81 -1.17
N LYS C 133 7.92 -36.76 -1.49
CA LYS C 133 7.23 -37.85 -2.16
C LYS C 133 7.86 -38.25 -3.49
N VAL C 134 8.58 -37.33 -4.11
CA VAL C 134 9.21 -37.60 -5.39
C VAL C 134 10.72 -37.91 -5.22
N ILE C 135 11.17 -37.89 -3.97
CA ILE C 135 12.53 -38.32 -3.65
C ILE C 135 12.55 -39.83 -3.46
N SER C 136 13.42 -40.51 -4.21
CA SER C 136 13.47 -41.97 -4.24
C SER C 136 13.63 -42.62 -2.87
N TYR C 137 14.58 -42.14 -2.08
CA TYR C 137 14.81 -42.68 -0.74
C TYR C 137 13.55 -42.53 0.10
N PHE C 138 12.89 -41.39 -0.06
CA PHE C 138 11.69 -41.09 0.68
C PHE C 138 10.53 -41.97 0.19
N ARG C 139 10.54 -42.34 -1.09
CA ARG C 139 9.52 -43.22 -1.65
C ARG C 139 9.60 -44.60 -1.00
N ASP C 140 10.81 -45.13 -0.92
CA ASP C 140 11.07 -46.46 -0.39
C ASP C 140 10.69 -46.59 1.08
N LEU C 141 10.97 -45.53 1.85
CA LEU C 141 10.60 -45.46 3.25
C LEU C 141 9.09 -45.68 3.40
N PRO C 142 8.70 -46.55 4.35
CA PRO C 142 7.27 -46.83 4.57
C PRO C 142 6.44 -45.60 4.96
N ILE C 143 5.18 -45.57 4.50
CA ILE C 143 4.23 -44.49 4.73
C ILE C 143 4.27 -43.87 6.11
N GLU C 144 4.17 -44.71 7.13
CA GLU C 144 4.07 -44.26 8.51
C GLU C 144 5.27 -43.43 8.93
N ASP C 145 6.44 -43.79 8.40
CA ASP C 145 7.65 -43.05 8.70
C ASP C 145 7.83 -41.84 7.79
N GLN C 146 7.19 -41.88 6.62
CA GLN C 146 7.17 -40.73 5.73
C GLN C 146 6.36 -39.65 6.40
N ILE C 147 5.20 -40.06 6.92
CA ILE C 147 4.35 -39.19 7.72
C ILE C 147 5.14 -38.59 8.88
N SER C 148 5.75 -39.45 9.68
CA SER C 148 6.57 -39.04 10.82
C SER C 148 7.66 -38.04 10.40
N LEU C 149 8.37 -38.37 9.34
CA LEU C 149 9.48 -37.55 8.85
C LEU C 149 9.09 -36.14 8.40
N LEU C 150 7.96 -36.03 7.70
CA LEU C 150 7.47 -34.73 7.26
C LEU C 150 7.10 -33.86 8.45
N LYS C 151 6.37 -34.42 9.41
CA LYS C 151 5.92 -33.71 10.59
C LYS C 151 7.04 -33.00 11.35
N GLY C 152 8.24 -33.58 11.31
CA GLY C 152 9.35 -33.02 12.03
C GLY C 152 10.12 -32.00 11.20
N ALA C 153 10.00 -32.09 9.88
CA ALA C 153 10.77 -31.22 9.00
C ALA C 153 9.91 -30.21 8.26
N ALA C 154 8.58 -30.36 8.36
CA ALA C 154 7.63 -29.54 7.61
C ALA C 154 7.93 -28.05 7.73
N PHE C 155 7.87 -27.54 8.95
CA PHE C 155 8.15 -26.13 9.18
C PHE C 155 9.61 -25.81 8.89
N GLU C 156 10.48 -26.75 9.21
CA GLU C 156 11.93 -26.56 9.03
C GLU C 156 12.27 -26.41 7.56
N LEU C 157 11.46 -27.02 6.69
CA LEU C 157 11.67 -26.95 5.25
C LEU C 157 11.19 -25.65 4.65
N CYS C 158 10.02 -25.18 5.08
CA CYS C 158 9.42 -23.95 4.58
C CYS C 158 10.38 -22.78 4.71
N GLN C 159 11.02 -22.68 5.87
CA GLN C 159 11.97 -21.62 6.12
C GLN C 159 13.19 -21.75 5.22
N LEU C 160 13.65 -22.98 5.03
CA LEU C 160 14.78 -23.24 4.13
C LEU C 160 14.44 -22.80 2.70
N ARG C 161 13.18 -22.99 2.31
CA ARG C 161 12.73 -22.55 0.99
C ARG C 161 12.51 -21.05 0.95
N PHE C 162 11.88 -20.51 1.99
CA PHE C 162 11.60 -19.08 2.06
C PHE C 162 12.88 -18.24 2.08
N ASN C 163 13.98 -18.83 2.53
CA ASN C 163 15.24 -18.09 2.55
C ASN C 163 15.80 -17.91 1.15
N THR C 164 15.34 -18.74 0.21
CA THR C 164 15.77 -18.64 -1.18
C THR C 164 15.19 -17.38 -1.83
N VAL C 165 14.11 -16.87 -1.28
CA VAL C 165 13.48 -15.66 -1.80
C VAL C 165 13.56 -14.47 -0.85
N PHE C 166 14.48 -14.55 0.12
CA PHE C 166 14.61 -13.45 1.07
C PHE C 166 15.65 -12.45 0.60
N ASN C 167 15.39 -11.18 0.85
CA ASN C 167 16.32 -10.11 0.50
C ASN C 167 16.75 -9.37 1.75
N ALA C 168 18.00 -9.57 2.16
CA ALA C 168 18.51 -8.97 3.40
C ALA C 168 18.52 -7.44 3.35
N GLU C 169 18.78 -6.89 2.17
CA GLU C 169 18.86 -5.45 1.99
C GLU C 169 17.52 -4.76 2.25
N THR C 170 16.46 -5.35 1.71
CA THR C 170 15.12 -4.78 1.77
C THR C 170 14.27 -5.45 2.84
N GLY C 171 14.70 -6.63 3.27
CA GLY C 171 14.01 -7.35 4.33
C GLY C 171 12.66 -7.88 3.90
N THR C 172 12.55 -8.34 2.65
CA THR C 172 11.30 -8.95 2.18
C THR C 172 11.46 -10.31 1.52
N TRP C 173 10.43 -11.14 1.66
CA TRP C 173 10.36 -12.42 0.98
C TRP C 173 9.65 -12.27 -0.36
N GLU C 174 10.44 -12.09 -1.42
CA GLU C 174 9.90 -11.84 -2.75
C GLU C 174 9.32 -13.11 -3.35
N CYS C 175 8.11 -13.45 -2.90
CA CYS C 175 7.44 -14.67 -3.31
C CYS C 175 6.67 -14.48 -4.61
N GLY C 176 7.35 -13.93 -5.62
CA GLY C 176 6.72 -13.62 -6.88
C GLY C 176 5.89 -12.36 -6.82
N ARG C 177 4.60 -12.49 -7.09
CA ARG C 177 3.68 -11.37 -7.05
C ARG C 177 3.51 -10.85 -5.63
N LEU C 178 3.50 -11.77 -4.66
CA LEU C 178 3.37 -11.41 -3.25
C LEU C 178 4.73 -11.10 -2.65
N SER C 179 4.78 -10.08 -1.80
CA SER C 179 5.98 -9.76 -1.05
C SER C 179 5.62 -9.56 0.41
N TYR C 180 6.55 -9.92 1.29
CA TYR C 180 6.35 -9.76 2.72
C TYR C 180 7.50 -8.94 3.29
N CYS C 181 7.28 -7.64 3.42
CA CYS C 181 8.34 -6.74 3.86
C CYS C 181 8.36 -6.55 5.37
N LEU C 182 9.56 -6.34 5.91
CA LEU C 182 9.74 -6.19 7.35
C LEU C 182 9.45 -4.77 7.81
N GLU C 183 8.51 -4.63 8.74
CA GLU C 183 8.18 -3.34 9.34
C GLU C 183 9.38 -2.82 10.13
N ASP C 184 9.35 -1.54 10.47
CA ASP C 184 10.49 -0.93 11.16
C ASP C 184 10.10 -0.38 12.54
N THR C 185 10.68 -0.94 13.60
CA THR C 185 10.52 -0.34 14.93
C THR C 185 11.15 1.05 14.91
N ALA C 186 12.45 1.10 15.14
CA ALA C 186 13.22 2.27 14.76
C ALA C 186 14.07 1.84 13.57
N GLY C 187 13.67 2.29 12.39
CA GLY C 187 14.30 1.86 11.15
C GLY C 187 15.80 2.13 11.07
N GLY C 188 16.26 3.08 11.88
CA GLY C 188 17.67 3.39 11.98
C GLY C 188 18.50 2.15 12.29
N PHE C 189 18.11 1.43 13.34
CA PHE C 189 18.70 0.13 13.62
C PHE C 189 17.63 -0.89 14.00
N GLN C 190 17.52 -1.96 13.21
CA GLN C 190 16.42 -2.90 13.35
C GLN C 190 16.41 -3.62 14.69
N GLN C 191 17.40 -4.49 14.91
CA GLN C 191 17.42 -5.35 16.08
C GLN C 191 16.15 -6.18 16.11
N LEU C 192 15.66 -6.50 14.92
CA LEU C 192 14.66 -7.52 14.71
C LEU C 192 15.37 -8.86 14.92
N LEU C 193 16.70 -8.77 14.97
CA LEU C 193 17.57 -9.88 15.34
C LEU C 193 17.16 -10.46 16.69
N LEU C 194 16.55 -9.62 17.52
CA LEU C 194 16.05 -10.06 18.83
C LEU C 194 14.96 -11.11 18.64
N GLU C 195 14.45 -11.22 17.43
CA GLU C 195 13.58 -12.33 17.06
C GLU C 195 14.39 -13.37 16.29
N PRO C 196 14.56 -14.56 16.89
CA PRO C 196 15.39 -15.64 16.33
C PRO C 196 14.90 -16.07 14.94
N MET C 197 13.59 -16.09 14.75
CA MET C 197 12.98 -16.50 13.49
C MET C 197 13.50 -15.64 12.33
N LEU C 198 13.57 -14.33 12.55
CA LEU C 198 14.11 -13.42 11.55
C LEU C 198 15.61 -13.58 11.40
N LYS C 199 16.31 -13.46 12.53
CA LYS C 199 17.77 -13.51 12.55
C LYS C 199 18.32 -14.70 11.80
N PHE C 200 17.59 -15.81 11.85
CA PHE C 200 17.95 -17.02 11.10
C PHE C 200 18.12 -16.70 9.62
N HIS C 201 17.11 -16.05 9.05
CA HIS C 201 17.11 -15.71 7.63
C HIS C 201 18.24 -14.75 7.29
N TYR C 202 18.53 -13.81 8.18
CA TYR C 202 19.62 -12.87 7.97
C TYR C 202 20.95 -13.59 8.11
N MET C 203 21.03 -14.46 9.11
CA MET C 203 22.22 -15.28 9.31
C MET C 203 22.45 -16.22 8.12
N LEU C 204 21.36 -16.79 7.61
CA LEU C 204 21.44 -17.76 6.52
C LEU C 204 21.73 -17.12 5.16
N LYS C 205 21.01 -16.06 4.83
CA LYS C 205 21.19 -15.39 3.55
C LYS C 205 22.54 -14.69 3.49
N LYS C 206 23.15 -14.49 4.65
CA LYS C 206 24.46 -13.88 4.75
C LYS C 206 25.53 -14.80 4.16
N LEU C 207 25.36 -16.10 4.39
CA LEU C 207 26.30 -17.11 3.92
C LEU C 207 26.40 -17.12 2.40
N GLN C 208 25.31 -16.71 1.74
CA GLN C 208 25.22 -16.72 0.28
C GLN C 208 25.43 -18.12 -0.28
N LEU C 209 24.42 -18.97 -0.13
CA LEU C 209 24.54 -20.37 -0.53
C LEU C 209 24.04 -20.62 -1.95
N HIS C 210 24.50 -21.72 -2.53
CA HIS C 210 24.06 -22.13 -3.86
C HIS C 210 22.78 -22.93 -3.72
N GLU C 211 22.11 -23.18 -4.84
CA GLU C 211 20.86 -23.94 -4.83
C GLU C 211 21.10 -25.36 -4.34
N GLU C 212 22.28 -25.90 -4.65
CA GLU C 212 22.65 -27.24 -4.22
C GLU C 212 22.82 -27.29 -2.71
N GLU C 213 23.43 -26.24 -2.17
CA GLU C 213 23.68 -26.16 -0.73
C GLU C 213 22.36 -26.02 0.02
N TYR C 214 21.45 -25.24 -0.56
CA TYR C 214 20.11 -25.04 0.02
C TYR C 214 19.32 -26.33 0.04
N VAL C 215 19.32 -27.05 -1.08
CA VAL C 215 18.57 -28.29 -1.19
C VAL C 215 19.25 -29.38 -0.38
N LEU C 216 20.53 -29.22 -0.08
CA LEU C 216 21.21 -30.21 0.75
C LEU C 216 20.84 -30.04 2.23
N MET C 217 20.65 -28.80 2.66
CA MET C 217 20.15 -28.54 4.02
C MET C 217 18.74 -29.07 4.18
N GLN C 218 17.96 -28.95 3.12
CA GLN C 218 16.60 -29.48 3.13
C GLN C 218 16.56 -30.99 3.31
N ALA C 219 17.50 -31.72 2.72
CA ALA C 219 17.47 -33.18 2.90
C ALA C 219 18.06 -33.60 4.24
N ILE C 220 19.08 -32.87 4.70
CA ILE C 220 19.64 -33.17 6.02
C ILE C 220 18.54 -32.98 7.04
N SER C 221 17.78 -31.90 6.88
CA SER C 221 16.66 -31.62 7.75
C SER C 221 15.48 -32.56 7.53
N LEU C 222 15.13 -32.81 6.26
CA LEU C 222 14.05 -33.73 6.00
C LEU C 222 14.37 -35.12 6.53
N PHE C 223 15.58 -35.60 6.26
CA PHE C 223 15.96 -36.94 6.71
C PHE C 223 16.62 -36.97 8.09
N SER C 224 16.03 -36.24 9.04
CA SER C 224 16.53 -36.27 10.42
C SER C 224 15.99 -37.49 11.15
N PRO C 225 16.90 -38.27 11.77
CA PRO C 225 16.56 -39.53 12.45
C PRO C 225 15.79 -39.31 13.75
N ASP C 226 15.93 -38.14 14.36
CA ASP C 226 15.34 -37.88 15.68
C ASP C 226 13.92 -37.35 15.66
N ARG C 227 13.26 -37.43 14.52
CA ARG C 227 11.85 -37.06 14.46
C ARG C 227 11.02 -38.08 15.24
N PRO C 228 10.09 -37.61 16.08
CA PRO C 228 9.16 -38.51 16.75
C PRO C 228 8.43 -39.49 15.81
N GLY C 229 8.46 -40.78 16.11
CA GLY C 229 7.66 -41.75 15.37
C GLY C 229 8.38 -42.58 14.32
N VAL C 230 9.56 -42.15 13.91
CA VAL C 230 10.31 -42.90 12.89
C VAL C 230 10.64 -44.32 13.33
N LEU C 231 10.15 -45.28 12.55
CA LEU C 231 10.33 -46.69 12.83
C LEU C 231 11.64 -47.25 12.29
N GLN C 232 11.87 -47.08 10.98
CA GLN C 232 13.10 -47.55 10.36
C GLN C 232 14.20 -46.50 10.55
N HIS C 233 14.63 -46.37 11.80
CA HIS C 233 15.57 -45.34 12.22
C HIS C 233 16.94 -45.40 11.54
N ARG C 234 17.40 -46.61 11.27
CA ARG C 234 18.75 -46.81 10.75
C ARG C 234 18.92 -46.27 9.32
N VAL C 235 17.90 -46.48 8.49
CA VAL C 235 17.95 -46.05 7.10
C VAL C 235 18.05 -44.54 7.01
N VAL C 236 17.13 -43.87 7.70
CA VAL C 236 17.08 -42.40 7.72
C VAL C 236 18.37 -41.84 8.31
N ASP C 237 18.90 -42.52 9.32
CA ASP C 237 20.15 -42.12 9.94
C ASP C 237 21.27 -42.09 8.91
N GLN C 238 21.58 -43.25 8.33
CA GLN C 238 22.61 -43.37 7.32
C GLN C 238 22.39 -42.42 6.15
N LEU C 239 21.13 -42.17 5.83
CA LEU C 239 20.78 -41.24 4.76
C LEU C 239 21.26 -39.82 5.06
N GLN C 240 20.88 -39.30 6.22
CA GLN C 240 21.26 -37.95 6.63
C GLN C 240 22.78 -37.81 6.63
N GLU C 241 23.46 -38.89 7.00
CA GLU C 241 24.91 -38.92 6.96
C GLU C 241 25.41 -38.74 5.53
N GLN C 242 24.80 -39.47 4.60
CA GLN C 242 25.17 -39.40 3.18
C GLN C 242 25.05 -37.96 2.67
N PHE C 243 23.91 -37.33 2.94
CA PHE C 243 23.67 -35.96 2.50
C PHE C 243 24.66 -34.98 3.15
N ALA C 244 25.13 -35.35 4.34
CA ALA C 244 26.05 -34.50 5.09
C ALA C 244 27.45 -34.43 4.47
N ILE C 245 28.03 -35.59 4.15
CA ILE C 245 29.36 -35.62 3.53
C ILE C 245 29.29 -34.99 2.15
N THR C 246 28.18 -35.24 1.45
CA THR C 246 27.96 -34.68 0.13
C THR C 246 28.01 -33.16 0.18
N LEU C 247 27.38 -32.59 1.21
CA LEU C 247 27.38 -31.15 1.40
C LEU C 247 28.73 -30.66 1.93
N LYS C 248 29.38 -31.51 2.71
CA LYS C 248 30.69 -31.18 3.27
C LYS C 248 31.73 -31.03 2.15
N SER C 249 31.63 -31.89 1.14
CA SER C 249 32.63 -31.93 0.07
C SER C 249 32.28 -31.02 -1.11
N TYR C 250 31.02 -30.66 -1.23
CA TYR C 250 30.60 -29.69 -2.25
C TYR C 250 31.29 -28.37 -1.97
N ILE C 251 31.42 -28.06 -0.68
CA ILE C 251 32.02 -26.81 -0.24
C ILE C 251 33.54 -26.90 -0.32
N GLU C 252 34.09 -28.06 -0.02
CA GLU C 252 35.52 -28.30 -0.11
C GLU C 252 36.00 -28.17 -1.56
N CYS C 253 35.17 -28.61 -2.50
CA CYS C 253 35.52 -28.60 -3.90
C CYS C 253 35.14 -27.31 -4.62
N ASN C 254 33.84 -27.14 -4.83
CA ASN C 254 33.31 -26.05 -5.66
C ASN C 254 33.68 -24.64 -5.21
N ARG C 255 33.68 -24.42 -3.90
CA ARG C 255 34.04 -23.11 -3.36
C ARG C 255 35.54 -23.03 -3.05
N PRO C 256 36.15 -21.85 -3.28
CA PRO C 256 37.58 -21.60 -3.06
C PRO C 256 38.05 -22.01 -1.66
N GLN C 257 39.33 -22.33 -1.53
CA GLN C 257 39.82 -23.03 -0.34
C GLN C 257 40.06 -22.16 0.91
N PRO C 258 41.08 -21.26 0.91
CA PRO C 258 41.13 -20.45 2.12
C PRO C 258 40.21 -19.24 2.02
N ALA C 259 38.91 -19.51 1.84
CA ALA C 259 37.90 -18.46 1.72
C ALA C 259 36.59 -18.95 2.33
N HIS C 260 36.16 -20.12 1.89
CA HIS C 260 34.94 -20.74 2.39
C HIS C 260 35.26 -21.94 3.25
N ARG C 261 36.37 -21.85 3.98
CA ARG C 261 36.85 -22.97 4.80
C ARG C 261 35.88 -23.33 5.92
N PHE C 262 35.41 -22.32 6.63
CA PHE C 262 34.48 -22.52 7.73
C PHE C 262 33.04 -22.34 7.26
N LEU C 263 32.71 -23.04 6.19
CA LEU C 263 31.33 -23.26 5.82
C LEU C 263 31.03 -24.70 6.23
N PHE C 264 29.76 -25.10 6.08
CA PHE C 264 29.25 -26.37 6.63
C PHE C 264 29.12 -26.25 8.15
N LEU C 265 30.21 -25.84 8.81
CA LEU C 265 30.15 -25.38 10.18
C LEU C 265 29.05 -24.33 10.32
N LYS C 266 29.10 -23.31 9.46
CA LYS C 266 28.07 -22.28 9.43
C LYS C 266 26.72 -22.84 9.01
N ILE C 267 26.74 -23.81 8.10
CA ILE C 267 25.49 -24.45 7.67
C ILE C 267 24.95 -25.34 8.79
N MET C 268 25.87 -26.05 9.46
CA MET C 268 25.48 -26.88 10.59
C MET C 268 24.87 -26.05 11.71
N ALA C 269 25.46 -24.88 11.96
CA ALA C 269 24.92 -23.93 12.92
C ALA C 269 23.46 -23.61 12.59
N MET C 270 23.18 -23.44 11.31
CA MET C 270 21.83 -23.10 10.87
C MET C 270 20.85 -24.26 11.04
N LEU C 271 21.30 -25.48 10.76
CA LEU C 271 20.47 -26.66 10.94
C LEU C 271 20.18 -26.93 12.41
N THR C 272 21.10 -26.52 13.27
CA THR C 272 20.90 -26.59 14.72
C THR C 272 19.88 -25.53 15.14
N GLU C 273 20.12 -24.30 14.70
CA GLU C 273 19.25 -23.18 15.01
C GLU C 273 17.84 -23.42 14.47
N LEU C 274 17.74 -24.25 13.43
CA LEU C 274 16.47 -24.64 12.87
C LEU C 274 15.63 -25.49 13.84
N ARG C 275 16.30 -26.25 14.69
CA ARG C 275 15.60 -27.08 15.67
C ARG C 275 14.96 -26.20 16.73
N SER C 276 15.58 -25.06 17.00
CA SER C 276 15.07 -24.10 17.96
C SER C 276 13.89 -23.36 17.34
N ILE C 277 14.12 -22.87 16.13
CA ILE C 277 13.12 -22.13 15.37
C ILE C 277 11.87 -23.00 15.15
N ASN C 278 12.08 -24.29 14.92
CA ASN C 278 10.97 -25.26 14.88
C ASN C 278 10.34 -25.41 16.25
N ALA C 279 11.16 -25.34 17.28
CA ALA C 279 10.66 -25.49 18.65
C ALA C 279 9.77 -24.29 18.98
N GLN C 280 10.33 -23.09 18.86
CA GLN C 280 9.60 -21.83 19.00
C GLN C 280 8.26 -21.83 18.26
N HIS C 281 8.34 -22.13 16.96
CA HIS C 281 7.16 -22.15 16.13
C HIS C 281 6.01 -23.02 16.64
N THR C 282 6.34 -24.25 17.07
CA THR C 282 5.31 -25.22 17.44
C THR C 282 4.54 -24.84 18.70
N GLN C 283 5.26 -24.45 19.75
CA GLN C 283 4.62 -23.96 20.97
C GLN C 283 3.84 -22.68 20.67
N ARG C 284 4.42 -21.82 19.84
CA ARG C 284 3.77 -20.61 19.35
C ARG C 284 2.42 -20.93 18.72
N LEU C 285 2.45 -21.83 17.75
CA LEU C 285 1.25 -22.23 17.02
C LEU C 285 0.20 -22.83 17.95
N LEU C 286 0.66 -23.66 18.88
CA LEU C 286 -0.22 -24.30 19.85
C LEU C 286 -1.01 -23.27 20.65
N ARG C 287 -0.33 -22.22 21.10
CA ARG C 287 -0.95 -21.19 21.91
C ARG C 287 -1.98 -20.36 21.12
N ILE C 288 -1.62 -19.98 19.90
CA ILE C 288 -2.52 -19.19 19.06
C ILE C 288 -3.76 -19.99 18.67
N GLN C 289 -3.56 -21.27 18.35
CA GLN C 289 -4.66 -22.15 18.00
C GLN C 289 -5.62 -22.33 19.18
N ASP C 290 -5.07 -22.27 20.39
CA ASP C 290 -5.84 -22.47 21.60
C ASP C 290 -6.80 -21.31 21.86
N ILE C 291 -6.38 -20.10 21.53
CA ILE C 291 -7.20 -18.91 21.73
C ILE C 291 -7.86 -18.47 20.44
N HIS C 292 -7.59 -19.21 19.36
CA HIS C 292 -8.12 -18.88 18.04
C HIS C 292 -7.97 -20.04 17.07
N PRO C 293 -8.90 -21.00 17.13
CA PRO C 293 -8.89 -22.14 16.21
C PRO C 293 -8.88 -21.65 14.76
N PHE C 294 -7.74 -21.84 14.10
CA PHE C 294 -7.56 -21.36 12.73
C PHE C 294 -6.80 -22.36 11.86
N ALA C 295 -6.50 -23.51 12.44
CA ALA C 295 -5.66 -24.50 11.76
C ALA C 295 -6.33 -25.27 10.64
N THR C 296 -5.70 -25.25 9.47
CA THR C 296 -6.05 -26.15 8.40
C THR C 296 -5.95 -27.57 8.95
N PRO C 297 -6.80 -28.48 8.47
CA PRO C 297 -6.70 -29.88 8.92
C PRO C 297 -5.32 -30.41 8.57
N LEU C 298 -4.72 -29.85 7.52
CA LEU C 298 -3.33 -30.17 7.21
C LEU C 298 -2.40 -29.67 8.32
N MET C 299 -2.55 -28.42 8.73
CA MET C 299 -1.75 -27.87 9.80
C MET C 299 -1.84 -28.73 11.06
N GLN C 300 -3.06 -29.07 11.44
CA GLN C 300 -3.30 -29.96 12.57
C GLN C 300 -2.49 -31.24 12.46
N GLU C 301 -2.56 -31.89 11.30
CA GLU C 301 -1.84 -33.15 11.09
C GLU C 301 -0.35 -32.96 11.29
N LEU C 302 0.20 -31.94 10.63
CA LEU C 302 1.63 -31.67 10.66
C LEU C 302 2.09 -31.23 12.06
N PHE C 303 1.20 -30.60 12.82
CA PHE C 303 1.56 -30.08 14.13
C PHE C 303 0.75 -30.75 15.25
N GLY C 304 0.13 -31.89 14.92
CA GLY C 304 -0.56 -32.72 15.88
C GLY C 304 -1.59 -32.00 16.73
N ILE C 305 -2.67 -31.51 16.11
CA ILE C 305 -3.72 -30.83 16.85
C ILE C 305 -5.02 -31.65 16.82
N THR C 306 -5.63 -31.86 17.98
CA THR C 306 -6.86 -32.64 18.06
C THR C 306 -8.10 -31.79 17.75
N SER C 318 -2.24 -47.50 13.26
CA SER C 318 -2.97 -46.38 13.85
C SER C 318 -2.43 -45.04 13.33
N LEU C 319 -1.12 -44.95 13.16
CA LEU C 319 -0.47 -43.71 12.73
C LEU C 319 -0.87 -43.33 11.29
N THR C 320 -1.09 -44.30 10.40
CA THR C 320 -1.65 -43.99 9.08
C THR C 320 -3.14 -43.68 9.20
N GLU C 321 -3.76 -44.19 10.27
CA GLU C 321 -5.19 -43.99 10.46
C GLU C 321 -5.44 -42.66 11.16
N ARG C 322 -4.49 -42.23 11.98
CA ARG C 322 -4.62 -40.97 12.70
C ARG C 322 -4.42 -39.77 11.78
N HIS C 323 -3.49 -39.92 10.84
CA HIS C 323 -3.21 -38.85 9.88
C HIS C 323 -3.91 -39.11 8.56
N LYS C 324 -5.22 -38.90 8.55
CA LYS C 324 -6.07 -39.29 7.43
C LYS C 324 -5.73 -38.61 6.10
N ILE C 325 -5.42 -37.31 6.15
CA ILE C 325 -5.23 -36.55 4.92
C ILE C 325 -3.77 -36.53 4.47
N LEU C 326 -2.84 -36.67 5.40
CA LEU C 326 -1.43 -36.78 5.06
C LEU C 326 -1.18 -38.15 4.46
N HIS C 327 -1.99 -39.11 4.89
CA HIS C 327 -2.03 -40.45 4.34
C HIS C 327 -2.38 -40.39 2.85
N ARG C 328 -3.44 -39.65 2.55
CA ARG C 328 -3.94 -39.51 1.18
C ARG C 328 -2.92 -38.93 0.21
N LEU C 329 -2.11 -37.99 0.67
CA LEU C 329 -1.19 -37.24 -0.19
C LEU C 329 0.02 -38.06 -0.62
N LEU C 330 0.19 -39.22 0.00
CA LEU C 330 1.33 -40.08 -0.28
C LEU C 330 0.84 -41.44 -0.72
N GLN C 331 1.22 -41.85 -1.94
CA GLN C 331 1.22 -43.24 -2.44
C GLN C 331 0.36 -43.58 -3.68
N GLU C 332 -0.43 -42.63 -4.18
CA GLU C 332 -1.45 -42.94 -5.21
C GLU C 332 -0.93 -43.65 -6.46
N GLY D 13 -14.69 41.34 11.26
CA GLY D 13 -15.55 40.20 10.99
C GLY D 13 -16.80 40.16 11.88
N VAL D 14 -17.79 41.00 11.58
CA VAL D 14 -18.90 41.25 12.52
C VAL D 14 -20.27 40.60 12.23
N GLN D 15 -20.61 40.41 10.94
CA GLN D 15 -21.85 39.75 10.44
C GLN D 15 -22.99 40.72 10.09
N GLY D 16 -24.09 40.18 9.56
CA GLY D 16 -25.31 40.95 9.34
C GLY D 16 -25.85 41.05 7.91
N LEU D 17 -26.82 40.19 7.57
CA LEU D 17 -27.53 40.28 6.30
C LEU D 17 -29.04 40.26 6.52
N THR D 18 -29.81 40.42 5.43
CA THR D 18 -31.26 40.35 5.53
C THR D 18 -31.70 38.99 6.04
N GLU D 19 -32.82 38.95 6.78
CA GLU D 19 -33.36 37.71 7.33
C GLU D 19 -33.54 36.65 6.26
N GLU D 20 -33.96 37.07 5.08
CA GLU D 20 -34.10 36.17 3.95
C GLU D 20 -32.75 35.54 3.60
N GLN D 21 -31.70 36.37 3.57
CA GLN D 21 -30.36 35.89 3.28
C GLN D 21 -29.82 34.98 4.38
N ARG D 22 -30.35 35.12 5.59
CA ARG D 22 -29.91 34.30 6.71
C ARG D 22 -30.57 32.92 6.69
N MET D 23 -31.87 32.88 6.42
CA MET D 23 -32.61 31.62 6.40
C MET D 23 -32.19 30.75 5.22
N MET D 24 -31.82 31.38 4.11
CA MET D 24 -31.42 30.64 2.92
C MET D 24 -30.03 30.02 3.05
N ILE D 25 -29.17 30.64 3.85
CA ILE D 25 -27.86 30.08 4.13
C ILE D 25 -27.99 28.83 4.98
N ARG D 26 -28.72 28.96 6.08
CA ARG D 26 -28.95 27.83 6.99
C ARG D 26 -29.84 26.78 6.36
N GLU D 27 -30.59 27.16 5.33
CA GLU D 27 -31.41 26.21 4.58
C GLU D 27 -30.49 25.27 3.83
N LEU D 28 -29.37 25.81 3.35
CA LEU D 28 -28.37 25.03 2.65
C LEU D 28 -27.51 24.23 3.63
N MET D 29 -27.13 24.87 4.72
CA MET D 29 -26.26 24.25 5.72
C MET D 29 -26.91 23.02 6.35
N ASP D 30 -28.20 23.13 6.67
CA ASP D 30 -28.94 22.00 7.22
C ASP D 30 -29.56 21.14 6.12
N ALA D 31 -29.06 21.32 4.91
CA ALA D 31 -29.37 20.41 3.81
C ALA D 31 -28.07 19.70 3.46
N GLN D 32 -26.97 20.44 3.61
CA GLN D 32 -25.63 19.90 3.41
C GLN D 32 -25.32 18.85 4.46
N MET D 33 -25.42 19.24 5.73
CA MET D 33 -25.16 18.33 6.84
C MET D 33 -26.13 17.16 6.81
N LYS D 34 -27.34 17.43 6.34
CA LYS D 34 -28.40 16.44 6.28
C LYS D 34 -28.08 15.35 5.26
N THR D 35 -27.25 15.68 4.27
CA THR D 35 -27.01 14.77 3.15
C THR D 35 -25.53 14.55 2.79
N PHE D 36 -24.61 15.16 3.53
CA PHE D 36 -23.20 14.95 3.24
C PHE D 36 -22.40 14.41 4.42
N ASP D 37 -22.09 13.12 4.36
CA ASP D 37 -21.26 12.48 5.35
C ASP D 37 -19.80 12.73 4.99
N THR D 38 -19.11 13.52 5.80
CA THR D 38 -17.71 13.87 5.52
C THR D 38 -16.78 12.68 5.80
N THR D 39 -17.35 11.63 6.37
CA THR D 39 -16.59 10.43 6.69
C THR D 39 -16.94 9.29 5.74
N PHE D 40 -17.99 9.51 4.95
CA PHE D 40 -18.43 8.53 3.96
C PHE D 40 -18.76 7.20 4.63
N SER D 41 -19.23 7.28 5.87
CA SER D 41 -19.50 6.11 6.69
C SER D 41 -20.44 5.11 6.03
N HIS D 42 -21.44 5.62 5.31
CA HIS D 42 -22.44 4.76 4.70
C HIS D 42 -22.08 4.34 3.29
N PHE D 43 -20.82 4.56 2.93
CA PHE D 43 -20.33 4.12 1.63
C PHE D 43 -19.55 2.82 1.74
N LYS D 44 -20.24 1.70 1.53
CA LYS D 44 -19.58 0.40 1.45
C LYS D 44 -20.27 -0.50 0.42
N ASN D 45 -19.88 -1.77 0.39
CA ASN D 45 -20.38 -2.72 -0.59
C ASN D 45 -20.12 -2.26 -2.02
N PHE D 46 -18.98 -1.59 -2.22
CA PHE D 46 -18.62 -1.05 -3.52
C PHE D 46 -17.58 -1.92 -4.21
N ARG D 47 -17.46 -1.77 -5.53
CA ARG D 47 -16.48 -2.53 -6.29
C ARG D 47 -15.08 -1.97 -6.09
N LEU D 48 -14.07 -2.82 -6.24
CA LEU D 48 -12.68 -2.44 -6.09
C LEU D 48 -11.84 -3.12 -7.17
N PRO D 49 -10.67 -2.56 -7.51
CA PRO D 49 -9.80 -3.15 -8.53
C PRO D 49 -9.33 -4.56 -8.17
N GLY D 50 -8.93 -5.33 -9.18
CA GLY D 50 -8.53 -6.71 -8.95
C GLY D 50 -7.28 -6.85 -8.12
N VAL D 51 -7.30 -7.80 -7.19
CA VAL D 51 -6.13 -8.10 -6.36
C VAL D 51 -5.04 -8.75 -7.20
N SER D 66 -8.06 -3.04 -36.17
CA SER D 66 -8.22 -2.65 -34.78
C SER D 66 -7.44 -1.38 -34.45
N ARG D 67 -7.25 -0.51 -35.46
CA ARG D 67 -6.38 0.65 -35.29
C ARG D 67 -6.78 1.87 -36.13
N GLU D 68 -6.01 2.96 -35.96
CA GLU D 68 -6.22 4.24 -36.65
C GLU D 68 -7.50 4.96 -36.23
N GLU D 69 -8.41 4.22 -35.60
CA GLU D 69 -9.50 4.82 -34.85
C GLU D 69 -8.97 4.92 -33.43
N ALA D 70 -7.98 4.07 -33.16
CA ALA D 70 -7.33 3.98 -31.86
C ALA D 70 -6.71 5.31 -31.40
N ALA D 71 -6.68 6.31 -32.27
CA ALA D 71 -6.35 7.66 -31.84
C ALA D 71 -7.40 8.09 -30.79
N LYS D 72 -8.61 7.55 -30.89
CA LYS D 72 -9.62 7.73 -29.85
C LYS D 72 -9.15 7.14 -28.52
N TRP D 73 -8.48 6.00 -28.60
CA TRP D 73 -7.92 5.32 -27.45
C TRP D 73 -6.77 6.13 -26.88
N SER D 74 -6.00 6.74 -27.76
CA SER D 74 -4.86 7.55 -27.35
C SER D 74 -5.34 8.70 -26.48
N GLN D 75 -6.49 9.25 -26.82
CA GLN D 75 -7.07 10.36 -26.07
C GLN D 75 -7.49 9.95 -24.65
N VAL D 76 -8.14 8.80 -24.54
CA VAL D 76 -8.60 8.29 -23.24
C VAL D 76 -7.44 8.10 -22.28
N ARG D 77 -6.36 7.50 -22.76
CA ARG D 77 -5.16 7.29 -21.96
C ARG D 77 -4.54 8.62 -21.55
N LYS D 78 -4.72 9.64 -22.39
CA LYS D 78 -4.18 10.97 -22.12
C LYS D 78 -4.99 11.65 -21.01
N ASP D 79 -6.28 11.34 -20.97
CA ASP D 79 -7.14 11.87 -19.93
C ASP D 79 -6.68 11.36 -18.58
N LEU D 80 -6.38 10.07 -18.51
CA LEU D 80 -6.11 9.42 -17.24
C LEU D 80 -4.67 9.56 -16.77
N CYS D 81 -3.74 9.78 -17.69
CA CYS D 81 -2.31 9.82 -17.38
C CYS D 81 -1.84 11.10 -16.70
N SER D 82 -2.80 11.93 -16.30
CA SER D 82 -2.52 13.12 -15.51
C SER D 82 -3.41 13.02 -14.30
N LEU D 83 -4.22 11.98 -14.34
CA LEU D 83 -5.34 11.84 -13.44
C LEU D 83 -5.16 10.56 -12.60
N LYS D 84 -3.96 10.42 -12.01
CA LYS D 84 -3.54 9.23 -11.27
C LYS D 84 -3.69 9.39 -9.75
N VAL D 85 -4.16 8.33 -9.11
CA VAL D 85 -4.37 8.35 -7.66
C VAL D 85 -3.98 7.08 -6.92
N SER D 86 -3.40 7.27 -5.74
CA SER D 86 -3.16 6.16 -4.83
C SER D 86 -4.36 5.98 -3.93
N LEU D 87 -5.10 4.90 -4.16
CA LEU D 87 -6.25 4.57 -3.33
C LEU D 87 -5.76 3.99 -2.00
N GLN D 88 -6.57 4.15 -0.96
CA GLN D 88 -6.18 3.67 0.37
C GLN D 88 -7.39 3.43 1.27
N LEU D 89 -7.51 2.22 1.79
CA LEU D 89 -8.58 1.91 2.74
C LEU D 89 -8.04 1.70 4.15
N ARG D 90 -8.61 2.44 5.11
CA ARG D 90 -8.31 2.22 6.52
C ARG D 90 -9.34 1.28 7.14
N GLY D 91 -8.88 0.29 7.89
CA GLY D 91 -9.75 -0.53 8.70
C GLY D 91 -9.96 0.18 10.03
N GLU D 92 -10.97 -0.25 10.79
CA GLU D 92 -11.26 0.34 12.09
C GLU D 92 -10.12 0.03 13.05
N ASP D 93 -9.39 -1.04 12.76
CA ASP D 93 -8.19 -1.42 13.50
C ASP D 93 -7.08 -0.37 13.33
N GLY D 94 -6.12 -0.68 12.46
CA GLY D 94 -5.08 0.27 12.10
C GLY D 94 -4.52 -0.08 10.74
N SER D 95 -5.16 -1.03 10.08
CA SER D 95 -4.67 -1.50 8.77
C SER D 95 -4.84 -0.49 7.65
N VAL D 96 -3.89 -0.52 6.70
CA VAL D 96 -3.93 0.33 5.52
C VAL D 96 -3.81 -0.54 4.28
N TRP D 97 -4.94 -0.85 3.65
CA TRP D 97 -4.92 -1.54 2.36
C TRP D 97 -4.70 -0.52 1.25
N ASN D 98 -3.43 -0.26 0.94
CA ASN D 98 -3.09 0.75 -0.05
C ASN D 98 -3.01 0.20 -1.46
N TYR D 99 -3.52 0.96 -2.41
CA TYR D 99 -3.45 0.61 -3.81
C TYR D 99 -2.68 1.68 -4.57
N LYS D 100 -1.69 1.25 -5.35
CA LYS D 100 -1.06 2.15 -6.32
C LYS D 100 -1.39 1.76 -7.75
N PRO D 101 -1.61 2.76 -8.60
CA PRO D 101 -2.00 2.61 -10.00
C PRO D 101 -0.88 2.06 -10.92
N PRO D 102 -1.26 1.21 -11.88
CA PRO D 102 -0.33 0.77 -12.93
C PRO D 102 -0.11 1.88 -13.93
N ALA D 103 1.14 2.14 -14.29
CA ALA D 103 1.42 3.02 -15.42
C ALA D 103 0.90 2.34 -16.68
N ASP D 104 0.81 3.08 -17.78
CA ASP D 104 0.20 2.53 -18.98
C ASP D 104 1.17 1.95 -20.01
N SER D 105 0.89 0.72 -20.41
CA SER D 105 1.45 0.13 -21.62
C SER D 105 0.38 -0.81 -22.21
N GLY D 106 -0.69 -0.21 -22.72
CA GLY D 106 -1.79 -0.96 -23.31
C GLY D 106 -3.17 -0.49 -22.87
N GLY D 107 -4.16 -1.37 -23.03
CA GLY D 107 -5.52 -1.07 -22.65
C GLY D 107 -6.15 -2.09 -21.73
N LYS D 108 -7.19 -1.66 -21.01
CA LYS D 108 -7.91 -2.45 -19.99
C LYS D 108 -7.28 -2.37 -18.60
N GLU D 109 -5.98 -2.10 -18.53
CA GLU D 109 -5.33 -1.82 -17.26
C GLU D 109 -5.80 -0.48 -16.71
N ILE D 110 -6.16 0.42 -17.63
CA ILE D 110 -6.53 1.79 -17.27
C ILE D 110 -7.91 1.93 -16.62
N PHE D 111 -8.81 0.98 -16.89
CA PHE D 111 -10.13 0.99 -16.26
C PHE D 111 -10.10 0.25 -14.94
N SER D 112 -9.12 0.56 -14.12
CA SER D 112 -8.92 -0.11 -12.84
C SER D 112 -9.92 0.38 -11.80
N LEU D 113 -9.80 1.65 -11.43
CA LEU D 113 -10.66 2.24 -10.41
C LEU D 113 -12.01 2.65 -10.98
N LEU D 114 -12.13 2.55 -12.31
CA LEU D 114 -13.35 2.99 -13.00
C LEU D 114 -14.65 2.36 -12.49
N PRO D 115 -14.69 1.02 -12.31
CA PRO D 115 -15.93 0.49 -11.74
C PRO D 115 -16.08 0.83 -10.25
N HIS D 116 -14.99 1.21 -9.60
CA HIS D 116 -15.04 1.65 -8.22
C HIS D 116 -15.59 3.06 -8.14
N MET D 117 -15.02 3.95 -8.95
CA MET D 117 -15.44 5.35 -9.01
C MET D 117 -16.90 5.44 -9.42
N ALA D 118 -17.32 4.57 -10.32
CA ALA D 118 -18.71 4.51 -10.76
C ALA D 118 -19.64 4.22 -9.58
N ASP D 119 -19.14 3.46 -8.63
CA ASP D 119 -19.90 3.15 -7.42
C ASP D 119 -19.82 4.30 -6.41
N MET D 120 -18.74 5.06 -6.45
CA MET D 120 -18.53 6.18 -5.54
C MET D 120 -19.50 7.30 -5.84
N SER D 121 -19.63 7.57 -7.13
CA SER D 121 -20.44 8.64 -7.68
C SER D 121 -21.90 8.33 -7.48
N THR D 122 -22.26 7.08 -7.69
CA THR D 122 -23.62 6.61 -7.45
C THR D 122 -23.99 6.87 -6.00
N TYR D 123 -22.99 6.87 -5.12
CA TYR D 123 -23.18 7.22 -3.73
C TYR D 123 -23.15 8.73 -3.51
N MET D 124 -22.29 9.42 -4.25
CA MET D 124 -22.21 10.87 -4.16
C MET D 124 -23.43 11.52 -4.80
N PHE D 125 -23.81 11.03 -5.97
CA PHE D 125 -24.90 11.62 -6.74
C PHE D 125 -26.26 11.53 -6.06
N LYS D 126 -26.54 10.40 -5.41
CA LYS D 126 -27.78 10.32 -4.65
C LYS D 126 -27.66 11.11 -3.35
N GLY D 127 -26.42 11.44 -2.99
CA GLY D 127 -26.17 12.37 -1.90
C GLY D 127 -26.30 13.78 -2.42
N ILE D 128 -26.19 13.93 -3.74
CA ILE D 128 -26.42 15.20 -4.42
C ILE D 128 -27.91 15.39 -4.66
N ILE D 129 -28.54 14.36 -5.23
CA ILE D 129 -29.98 14.37 -5.49
C ILE D 129 -30.76 14.68 -4.22
N SER D 130 -30.34 14.09 -3.10
CA SER D 130 -31.01 14.32 -1.82
C SER D 130 -30.72 15.71 -1.25
N PHE D 131 -29.52 16.22 -1.52
CA PHE D 131 -29.16 17.58 -1.10
C PHE D 131 -30.12 18.58 -1.71
N ALA D 132 -30.49 18.33 -2.96
CA ALA D 132 -31.44 19.18 -3.66
C ALA D 132 -32.88 18.79 -3.31
N LYS D 133 -33.10 17.51 -3.06
CA LYS D 133 -34.42 16.99 -2.74
C LYS D 133 -35.02 17.67 -1.51
N VAL D 134 -34.16 18.07 -0.58
CA VAL D 134 -34.62 18.70 0.66
C VAL D 134 -34.63 20.23 0.55
N ILE D 135 -33.98 20.76 -0.48
CA ILE D 135 -34.04 22.19 -0.73
C ILE D 135 -35.46 22.58 -1.11
N SER D 136 -36.06 23.46 -0.31
CA SER D 136 -37.45 23.85 -0.51
C SER D 136 -37.70 24.47 -1.88
N TYR D 137 -36.79 25.34 -2.33
CA TYR D 137 -36.91 25.98 -3.63
C TYR D 137 -36.87 24.93 -4.73
N PHE D 138 -36.07 23.90 -4.50
CA PHE D 138 -35.82 22.87 -5.50
C PHE D 138 -37.03 21.95 -5.72
N ARG D 139 -37.60 21.45 -4.63
CA ARG D 139 -38.75 20.55 -4.74
C ARG D 139 -40.04 21.31 -5.07
N ASP D 140 -39.96 22.63 -5.15
CA ASP D 140 -41.08 23.44 -5.61
C ASP D 140 -41.09 23.53 -7.13
N LEU D 141 -39.89 23.42 -7.72
CA LEU D 141 -39.77 23.35 -9.17
C LEU D 141 -40.39 22.03 -9.62
N PRO D 142 -41.01 22.02 -10.81
CA PRO D 142 -41.63 20.79 -11.32
C PRO D 142 -40.62 19.65 -11.46
N ILE D 143 -41.11 18.42 -11.44
CA ILE D 143 -40.25 17.24 -11.51
C ILE D 143 -39.37 17.23 -12.77
N GLU D 144 -39.93 17.66 -13.89
CA GLU D 144 -39.18 17.69 -15.14
C GLU D 144 -38.22 18.87 -15.20
N ASP D 145 -38.10 19.60 -14.10
CA ASP D 145 -37.15 20.70 -14.01
C ASP D 145 -36.07 20.38 -12.99
N GLN D 146 -36.46 19.60 -11.98
CA GLN D 146 -35.50 19.13 -10.98
C GLN D 146 -34.49 18.23 -11.66
N ILE D 147 -34.99 17.38 -12.56
CA ILE D 147 -34.14 16.47 -13.32
C ILE D 147 -33.12 17.23 -14.13
N SER D 148 -33.59 18.27 -14.83
CA SER D 148 -32.73 19.06 -15.70
C SER D 148 -31.65 19.80 -14.91
N LEU D 149 -32.03 20.31 -13.75
CA LEU D 149 -31.09 21.05 -12.91
C LEU D 149 -30.02 20.14 -12.33
N LEU D 150 -30.40 18.91 -12.01
CA LEU D 150 -29.48 17.94 -11.44
C LEU D 150 -28.48 17.42 -12.46
N LYS D 151 -28.94 17.19 -13.69
CA LYS D 151 -28.10 16.65 -14.75
C LYS D 151 -26.87 17.51 -15.02
N GLY D 152 -27.07 18.82 -15.09
CA GLY D 152 -25.98 19.73 -15.42
C GLY D 152 -25.18 20.16 -14.22
N ALA D 153 -25.68 19.84 -13.02
CA ALA D 153 -25.01 20.26 -11.80
C ALA D 153 -24.41 19.10 -11.01
N ALA D 154 -24.76 17.88 -11.39
CA ALA D 154 -24.31 16.69 -10.67
C ALA D 154 -22.79 16.66 -10.47
N PHE D 155 -22.05 16.72 -11.58
CA PHE D 155 -20.60 16.71 -11.52
C PHE D 155 -20.05 17.97 -10.84
N GLU D 156 -20.65 19.12 -11.13
CA GLU D 156 -20.27 20.37 -10.49
C GLU D 156 -20.38 20.23 -8.98
N LEU D 157 -21.49 19.70 -8.54
CA LEU D 157 -21.74 19.56 -7.11
C LEU D 157 -20.74 18.61 -6.45
N CYS D 158 -20.43 17.51 -7.15
CA CYS D 158 -19.46 16.51 -6.69
C CYS D 158 -18.11 17.14 -6.34
N GLN D 159 -17.56 17.90 -7.28
CA GLN D 159 -16.25 18.51 -7.11
C GLN D 159 -16.17 19.46 -5.92
N LEU D 160 -17.21 20.27 -5.71
CA LEU D 160 -17.22 21.22 -4.60
C LEU D 160 -17.32 20.49 -3.26
N ARG D 161 -18.04 19.37 -3.26
CA ARG D 161 -18.14 18.54 -2.06
C ARG D 161 -16.78 17.93 -1.75
N PHE D 162 -16.12 17.44 -2.79
CA PHE D 162 -14.81 16.80 -2.65
C PHE D 162 -13.71 17.77 -2.24
N ASN D 163 -13.91 19.05 -2.48
CA ASN D 163 -12.87 20.02 -2.14
C ASN D 163 -12.80 20.31 -0.64
N THR D 164 -13.92 20.07 0.04
CA THR D 164 -13.97 20.21 1.48
C THR D 164 -13.01 19.21 2.13
N VAL D 165 -13.03 17.98 1.61
CA VAL D 165 -12.22 16.91 2.15
C VAL D 165 -10.84 16.85 1.51
N PHE D 166 -10.53 17.80 0.64
CA PHE D 166 -9.25 17.82 -0.04
C PHE D 166 -8.15 18.44 0.83
N ASN D 167 -6.95 17.88 0.74
CA ASN D 167 -5.79 18.39 1.45
C ASN D 167 -4.72 18.87 0.47
N ALA D 168 -4.15 20.03 0.75
CA ALA D 168 -3.16 20.63 -0.15
C ALA D 168 -1.79 19.96 -0.06
N GLU D 169 -1.20 19.97 1.13
CA GLU D 169 0.18 19.54 1.30
C GLU D 169 0.37 18.02 1.28
N THR D 170 -0.61 17.32 0.73
CA THR D 170 -0.49 15.87 0.49
C THR D 170 -1.13 15.51 -0.85
N GLY D 171 -2.08 16.34 -1.27
CA GLY D 171 -2.77 16.14 -2.54
C GLY D 171 -3.73 14.97 -2.50
N THR D 172 -4.40 14.78 -1.38
CA THR D 172 -5.31 13.66 -1.21
C THR D 172 -6.71 14.07 -0.75
N TRP D 173 -7.72 13.33 -1.21
CA TRP D 173 -9.11 13.51 -0.78
C TRP D 173 -9.42 12.55 0.35
N GLU D 174 -9.14 12.97 1.58
CA GLU D 174 -9.38 12.14 2.75
C GLU D 174 -10.87 11.89 2.95
N CYS D 175 -11.37 10.83 2.32
CA CYS D 175 -12.79 10.50 2.35
C CYS D 175 -13.11 9.40 3.36
N GLY D 176 -12.92 9.71 4.64
CA GLY D 176 -13.19 8.75 5.71
C GLY D 176 -12.23 7.59 5.70
N ARG D 177 -12.76 6.40 5.42
CA ARG D 177 -11.92 5.20 5.31
C ARG D 177 -11.14 5.19 3.99
N LEU D 178 -11.71 5.80 2.95
CA LEU D 178 -11.02 5.92 1.68
C LEU D 178 -10.12 7.14 1.69
N SER D 179 -9.03 7.09 0.94
CA SER D 179 -8.07 8.19 0.92
C SER D 179 -7.33 8.27 -0.40
N TYR D 180 -8.00 8.81 -1.41
CA TYR D 180 -7.44 8.93 -2.77
C TYR D 180 -6.27 9.90 -2.80
N CYS D 181 -5.06 9.38 -2.93
CA CYS D 181 -3.86 10.22 -2.90
C CYS D 181 -3.47 10.70 -4.29
N LEU D 182 -2.23 11.15 -4.45
CA LEU D 182 -1.76 11.70 -5.71
C LEU D 182 -0.40 11.14 -6.11
N GLU D 183 -0.14 11.08 -7.42
CA GLU D 183 1.11 10.52 -7.93
C GLU D 183 1.93 11.54 -8.72
N ASP D 184 3.06 11.94 -8.15
CA ASP D 184 3.98 12.86 -8.82
C ASP D 184 4.62 12.19 -10.03
N THR D 185 4.85 12.97 -11.09
CA THR D 185 5.39 12.42 -12.32
C THR D 185 6.66 13.11 -12.77
N ALA D 186 6.63 14.44 -12.80
CA ALA D 186 7.77 15.22 -13.26
C ALA D 186 8.73 15.55 -12.11
N GLN D 191 4.00 18.71 -10.58
CA GLN D 191 3.11 19.73 -11.14
C GLN D 191 2.18 19.15 -12.19
N LEU D 192 1.11 18.50 -11.73
CA LEU D 192 0.01 18.14 -12.62
C LEU D 192 -1.06 19.20 -12.51
N LEU D 193 -0.64 20.42 -12.18
CA LEU D 193 -1.51 21.59 -12.25
C LEU D 193 -1.68 21.97 -13.72
N LEU D 194 -0.92 21.30 -14.58
CA LEU D 194 -1.13 21.34 -16.02
C LEU D 194 -2.50 20.75 -16.34
N GLU D 195 -3.02 19.96 -15.39
CA GLU D 195 -4.40 19.51 -15.43
C GLU D 195 -5.25 20.47 -14.62
N PRO D 196 -6.23 21.11 -15.28
CA PRO D 196 -7.14 22.10 -14.64
C PRO D 196 -7.97 21.49 -13.53
N MET D 197 -8.41 20.25 -13.74
CA MET D 197 -9.17 19.48 -12.76
C MET D 197 -8.49 19.47 -11.40
N LEU D 198 -7.18 19.18 -11.43
CA LEU D 198 -6.37 19.20 -10.24
C LEU D 198 -6.15 20.64 -9.79
N LYS D 199 -5.87 21.50 -10.77
CA LYS D 199 -5.62 22.92 -10.53
C LYS D 199 -6.81 23.58 -9.85
N PHE D 200 -8.00 23.10 -10.15
CA PHE D 200 -9.23 23.56 -9.52
C PHE D 200 -9.17 23.33 -8.04
N HIS D 201 -8.99 22.07 -7.67
CA HIS D 201 -9.02 21.67 -6.27
C HIS D 201 -7.91 22.35 -5.48
N TYR D 202 -6.80 22.63 -6.15
CA TYR D 202 -5.71 23.34 -5.50
C TYR D 202 -6.03 24.81 -5.32
N MET D 203 -6.55 25.44 -6.36
CA MET D 203 -6.88 26.86 -6.31
C MET D 203 -8.07 27.13 -5.40
N LEU D 204 -9.06 26.25 -5.44
CA LEU D 204 -10.24 26.39 -4.60
C LEU D 204 -9.89 26.23 -3.12
N LYS D 205 -8.82 25.48 -2.86
CA LYS D 205 -8.44 25.19 -1.48
C LYS D 205 -7.58 26.28 -0.85
N LYS D 206 -6.83 27.01 -1.67
CA LYS D 206 -6.01 28.10 -1.15
C LYS D 206 -6.90 29.28 -0.77
N LEU D 207 -8.15 29.22 -1.20
CA LEU D 207 -9.13 30.25 -0.86
C LEU D 207 -9.62 30.09 0.58
N GLN D 208 -9.47 28.88 1.11
CA GLN D 208 -9.82 28.57 2.50
C GLN D 208 -11.26 28.94 2.80
N LEU D 209 -12.19 28.46 1.98
CA LEU D 209 -13.58 28.85 2.10
C LEU D 209 -14.24 28.34 3.38
N HIS D 210 -15.13 29.16 3.94
CA HIS D 210 -15.99 28.75 5.03
C HIS D 210 -17.03 27.78 4.47
N GLU D 211 -17.54 26.89 5.32
CA GLU D 211 -18.50 25.89 4.87
C GLU D 211 -19.81 26.53 4.38
N GLU D 212 -20.08 27.74 4.84
CA GLU D 212 -21.25 28.48 4.39
C GLU D 212 -21.10 28.93 2.94
N GLU D 213 -19.85 29.13 2.52
CA GLU D 213 -19.56 29.57 1.15
C GLU D 213 -19.62 28.39 0.18
N TYR D 214 -19.17 27.22 0.63
CA TYR D 214 -19.21 26.02 -0.18
C TYR D 214 -20.64 25.66 -0.57
N VAL D 215 -21.56 25.77 0.37
CA VAL D 215 -22.95 25.39 0.13
C VAL D 215 -23.68 26.44 -0.72
N LEU D 216 -23.12 27.64 -0.78
CA LEU D 216 -23.68 28.69 -1.62
C LEU D 216 -23.21 28.51 -3.06
N MET D 217 -21.96 28.08 -3.22
CA MET D 217 -21.44 27.75 -4.54
C MET D 217 -22.24 26.58 -5.10
N GLN D 218 -22.70 25.70 -4.23
CA GLN D 218 -23.50 24.55 -4.62
C GLN D 218 -24.88 24.97 -5.07
N ALA D 219 -25.50 25.87 -4.30
CA ALA D 219 -26.79 26.43 -4.67
C ALA D 219 -26.67 27.19 -5.99
N ILE D 220 -25.59 27.95 -6.12
CA ILE D 220 -25.32 28.69 -7.34
C ILE D 220 -25.15 27.74 -8.53
N SER D 221 -24.39 26.67 -8.33
CA SER D 221 -24.18 25.67 -9.37
C SER D 221 -25.44 24.86 -9.67
N LEU D 222 -26.21 24.56 -8.63
CA LEU D 222 -27.41 23.74 -8.78
C LEU D 222 -28.53 24.51 -9.46
N PHE D 223 -28.67 25.78 -9.10
CA PHE D 223 -29.74 26.60 -9.66
C PHE D 223 -29.23 27.47 -10.82
N SER D 224 -28.44 26.89 -11.71
CA SER D 224 -28.02 27.60 -12.91
C SER D 224 -29.08 27.41 -13.98
N PRO D 225 -29.63 28.51 -14.50
CA PRO D 225 -30.72 28.48 -15.48
C PRO D 225 -30.29 28.13 -16.90
N ASP D 226 -28.98 28.13 -17.18
CA ASP D 226 -28.49 27.84 -18.53
C ASP D 226 -28.53 26.36 -18.91
N ARG D 227 -28.70 25.50 -17.90
CA ARG D 227 -28.65 24.06 -18.13
C ARG D 227 -29.81 23.58 -19.00
N PRO D 228 -29.50 22.69 -19.96
CA PRO D 228 -30.48 22.19 -20.94
C PRO D 228 -31.69 21.52 -20.30
N GLY D 229 -32.84 22.16 -20.41
CA GLY D 229 -34.08 21.59 -19.89
C GLY D 229 -34.82 22.52 -18.94
N VAL D 230 -34.13 23.54 -18.43
CA VAL D 230 -34.72 24.48 -17.50
C VAL D 230 -35.90 25.24 -18.12
N LEU D 231 -37.11 24.77 -17.81
CA LEU D 231 -38.33 25.43 -18.25
C LEU D 231 -38.55 26.71 -17.47
N GLN D 232 -38.71 26.57 -16.16
CA GLN D 232 -38.88 27.71 -15.28
C GLN D 232 -37.57 28.49 -15.18
N HIS D 233 -37.24 29.19 -16.27
CA HIS D 233 -35.98 29.92 -16.35
C HIS D 233 -35.94 31.10 -15.40
N ARG D 234 -36.99 31.92 -15.41
CA ARG D 234 -37.04 33.11 -14.58
C ARG D 234 -36.94 32.78 -13.10
N VAL D 235 -37.64 31.73 -12.69
CA VAL D 235 -37.62 31.29 -11.29
C VAL D 235 -36.21 30.93 -10.84
N VAL D 236 -35.60 30.01 -11.59
CA VAL D 236 -34.25 29.53 -11.30
C VAL D 236 -33.23 30.65 -11.42
N ASP D 237 -33.37 31.48 -12.46
CA ASP D 237 -32.49 32.63 -12.63
C ASP D 237 -32.51 33.52 -11.39
N GLN D 238 -33.70 33.88 -10.94
CA GLN D 238 -33.86 34.70 -9.73
C GLN D 238 -33.22 34.04 -8.52
N LEU D 239 -33.42 32.72 -8.40
CA LEU D 239 -32.86 31.96 -7.29
C LEU D 239 -31.35 32.04 -7.26
N GLN D 240 -30.72 31.88 -8.41
CA GLN D 240 -29.27 31.95 -8.51
C GLN D 240 -28.72 33.30 -8.04
N GLU D 241 -29.30 34.38 -8.56
CA GLU D 241 -28.87 35.72 -8.24
C GLU D 241 -28.97 35.98 -6.74
N GLN D 242 -30.05 35.50 -6.14
CA GLN D 242 -30.26 35.59 -4.71
C GLN D 242 -29.10 34.94 -3.96
N PHE D 243 -28.83 33.68 -4.27
CA PHE D 243 -27.72 32.93 -3.69
C PHE D 243 -26.38 33.64 -3.93
N ALA D 244 -26.22 34.20 -5.12
CA ALA D 244 -25.00 34.89 -5.50
C ALA D 244 -24.72 36.14 -4.65
N ILE D 245 -25.70 37.03 -4.56
CA ILE D 245 -25.56 38.25 -3.76
C ILE D 245 -25.44 37.91 -2.27
N THR D 246 -26.18 36.90 -1.84
CA THR D 246 -26.12 36.40 -0.46
C THR D 246 -24.67 36.01 -0.15
N LEU D 247 -24.07 35.28 -1.08
CA LEU D 247 -22.67 34.87 -0.97
C LEU D 247 -21.73 36.06 -0.89
N LYS D 248 -21.85 37.00 -1.83
CA LYS D 248 -21.03 38.21 -1.83
C LYS D 248 -21.20 39.00 -0.52
N SER D 249 -22.45 39.17 -0.10
CA SER D 249 -22.78 39.88 1.14
C SER D 249 -22.22 39.16 2.36
N TYR D 250 -22.31 37.84 2.36
CA TYR D 250 -21.70 37.02 3.40
C TYR D 250 -20.22 37.43 3.56
N ILE D 251 -19.44 37.25 2.50
CA ILE D 251 -18.04 37.68 2.48
C ILE D 251 -17.89 39.18 2.79
N GLU D 252 -18.81 39.99 2.29
CA GLU D 252 -18.73 41.44 2.46
C GLU D 252 -18.87 41.90 3.90
N CYS D 253 -19.77 41.28 4.65
CA CYS D 253 -20.03 41.71 6.02
C CYS D 253 -19.77 40.63 7.08
N ASN D 254 -19.40 39.43 6.63
CA ASN D 254 -18.84 38.40 7.51
C ASN D 254 -17.45 38.10 6.99
N ARG D 255 -16.54 37.85 7.91
CA ARG D 255 -15.13 37.62 7.58
C ARG D 255 -14.42 38.81 6.87
N PRO D 256 -15.06 40.01 6.79
CA PRO D 256 -14.45 40.99 5.89
C PRO D 256 -13.19 41.60 6.48
N GLN D 257 -12.21 40.76 6.81
CA GLN D 257 -10.88 41.24 7.06
C GLN D 257 -10.53 41.99 5.79
N PRO D 258 -10.36 43.33 5.89
CA PRO D 258 -10.06 44.02 4.62
C PRO D 258 -8.73 43.61 3.99
N ALA D 259 -8.62 42.32 3.68
CA ALA D 259 -7.67 41.77 2.72
C ALA D 259 -8.50 40.64 2.10
N HIS D 260 -9.79 40.68 2.39
CA HIS D 260 -10.74 39.69 1.88
C HIS D 260 -11.72 40.23 0.83
N ARG D 261 -11.40 41.39 0.28
CA ARG D 261 -12.00 41.80 -0.99
C ARG D 261 -11.56 40.80 -2.04
N PHE D 262 -12.12 40.90 -3.24
CA PHE D 262 -11.72 40.05 -4.36
C PHE D 262 -12.01 38.56 -4.14
N LEU D 263 -12.59 38.22 -2.98
CA LEU D 263 -12.87 36.82 -2.68
C LEU D 263 -14.11 36.33 -3.39
N PHE D 264 -15.09 37.22 -3.57
CA PHE D 264 -16.26 36.88 -4.37
C PHE D 264 -15.81 36.70 -5.81
N LEU D 265 -14.79 37.48 -6.19
CA LEU D 265 -14.20 37.38 -7.51
C LEU D 265 -13.53 36.03 -7.70
N LYS D 266 -12.70 35.66 -6.73
CA LYS D 266 -11.98 34.38 -6.77
C LYS D 266 -12.95 33.20 -6.76
N ILE D 267 -14.00 33.31 -5.95
CA ILE D 267 -15.04 32.29 -5.93
C ILE D 267 -15.81 32.28 -7.26
N MET D 268 -16.01 33.46 -7.82
CA MET D 268 -16.70 33.58 -9.10
C MET D 268 -15.84 32.97 -10.21
N ALA D 269 -14.54 33.20 -10.11
CA ALA D 269 -13.59 32.65 -11.07
C ALA D 269 -13.55 31.12 -10.97
N MET D 270 -13.90 30.59 -9.81
CA MET D 270 -13.91 29.15 -9.60
C MET D 270 -15.22 28.53 -10.08
N LEU D 271 -16.33 29.25 -9.89
CA LEU D 271 -17.62 28.80 -10.40
C LEU D 271 -17.60 28.78 -11.93
N THR D 272 -16.77 29.66 -12.49
CA THR D 272 -16.59 29.77 -13.93
C THR D 272 -15.73 28.62 -14.43
N GLU D 273 -14.62 28.40 -13.74
CA GLU D 273 -13.71 27.31 -14.08
C GLU D 273 -14.37 25.95 -13.87
N LEU D 274 -15.31 25.89 -12.95
CA LEU D 274 -16.05 24.67 -12.66
C LEU D 274 -16.88 24.18 -13.85
N ARG D 275 -17.05 25.04 -14.84
CA ARG D 275 -17.86 24.68 -16.01
C ARG D 275 -16.99 24.32 -17.20
N SER D 276 -15.72 24.73 -17.16
CA SER D 276 -14.72 24.24 -18.10
C SER D 276 -14.45 22.80 -17.72
N ILE D 277 -14.24 22.61 -16.43
CA ILE D 277 -14.02 21.31 -15.83
C ILE D 277 -15.21 20.38 -16.03
N ASN D 278 -16.42 20.92 -15.88
CA ASN D 278 -17.62 20.14 -16.12
C ASN D 278 -17.69 19.72 -17.58
N ALA D 279 -17.50 20.68 -18.47
CA ALA D 279 -17.52 20.41 -19.90
C ALA D 279 -16.47 19.37 -20.27
N GLN D 280 -15.22 19.63 -19.92
CA GLN D 280 -14.11 18.76 -20.33
C GLN D 280 -14.20 17.35 -19.74
N HIS D 281 -14.87 17.21 -18.60
CA HIS D 281 -14.96 15.89 -18.01
C HIS D 281 -16.19 15.14 -18.47
N THR D 282 -17.16 15.87 -19.02
CA THR D 282 -18.28 15.24 -19.69
C THR D 282 -17.83 14.66 -21.03
N GLN D 283 -16.99 15.38 -21.77
CA GLN D 283 -16.45 14.82 -23.01
C GLN D 283 -15.56 13.62 -22.68
N ARG D 284 -14.80 13.74 -21.59
CA ARG D 284 -13.99 12.65 -21.08
C ARG D 284 -14.81 11.38 -20.82
N LEU D 285 -15.84 11.51 -19.99
CA LEU D 285 -16.70 10.37 -19.64
C LEU D 285 -17.27 9.71 -20.90
N LEU D 286 -17.76 10.53 -21.82
CA LEU D 286 -18.33 10.03 -23.07
C LEU D 286 -17.34 9.16 -23.84
N ARG D 287 -16.12 9.69 -24.03
CA ARG D 287 -15.04 8.96 -24.67
C ARG D 287 -14.81 7.58 -24.05
N ILE D 288 -14.72 7.55 -22.72
CA ILE D 288 -14.45 6.31 -22.00
C ILE D 288 -15.57 5.28 -22.18
N GLN D 289 -16.79 5.67 -21.83
CA GLN D 289 -17.98 4.82 -22.01
C GLN D 289 -18.14 4.34 -23.46
N ASP D 290 -17.78 5.21 -24.41
CA ASP D 290 -17.78 4.86 -25.83
C ASP D 290 -17.01 3.57 -26.07
N ILE D 291 -15.80 3.49 -25.51
CA ILE D 291 -14.95 2.33 -25.65
C ILE D 291 -15.34 1.23 -24.65
N HIS D 292 -15.28 1.58 -23.37
CA HIS D 292 -15.58 0.63 -22.29
C HIS D 292 -16.81 1.09 -21.51
N PRO D 293 -17.93 0.37 -21.69
CA PRO D 293 -19.17 0.70 -20.97
C PRO D 293 -19.16 0.21 -19.52
N PHE D 294 -19.30 1.15 -18.58
CA PHE D 294 -19.21 0.89 -17.16
C PHE D 294 -20.25 1.68 -16.36
N ALA D 295 -20.85 2.67 -17.01
CA ALA D 295 -21.75 3.61 -16.35
C ALA D 295 -22.95 2.92 -15.72
N THR D 296 -23.29 3.36 -14.52
CA THR D 296 -24.44 2.84 -13.80
C THR D 296 -25.71 3.45 -14.38
N PRO D 297 -26.83 2.72 -14.30
CA PRO D 297 -28.13 3.20 -14.82
C PRO D 297 -28.49 4.60 -14.31
N LEU D 298 -27.93 4.99 -13.17
CA LEU D 298 -28.06 6.34 -12.66
C LEU D 298 -27.22 7.26 -13.50
N MET D 299 -25.92 6.98 -13.51
CA MET D 299 -24.93 7.75 -14.25
C MET D 299 -25.31 8.05 -15.68
N GLN D 300 -25.95 7.08 -16.31
CA GLN D 300 -26.38 7.21 -17.69
C GLN D 300 -27.49 8.25 -17.77
N GLU D 301 -28.36 8.27 -16.77
CA GLU D 301 -29.43 9.25 -16.70
C GLU D 301 -28.91 10.65 -16.45
N LEU D 302 -27.82 10.74 -15.69
CA LEU D 302 -27.24 12.02 -15.31
C LEU D 302 -26.32 12.59 -16.40
N PHE D 303 -26.13 11.85 -17.48
CA PHE D 303 -25.25 12.30 -18.56
C PHE D 303 -25.78 11.98 -19.95
N GLY D 304 -26.95 11.36 -20.01
CA GLY D 304 -27.57 11.05 -21.29
C GLY D 304 -26.89 9.89 -21.99
N ILE D 305 -27.03 8.70 -21.41
CA ILE D 305 -26.44 7.49 -21.97
C ILE D 305 -27.45 6.36 -22.01
N SER D 317 -41.23 12.76 -25.90
CA SER D 317 -40.62 11.98 -24.83
C SER D 317 -40.37 12.82 -23.58
N SER D 318 -41.06 12.50 -22.49
CA SER D 318 -40.86 13.21 -21.23
C SER D 318 -39.61 12.70 -20.52
N LEU D 319 -39.15 13.44 -19.52
CA LEU D 319 -37.90 13.08 -18.84
C LEU D 319 -38.14 11.96 -17.86
N THR D 320 -39.29 12.04 -17.18
CA THR D 320 -39.65 11.10 -16.13
C THR D 320 -39.75 9.66 -16.63
N GLU D 321 -40.14 9.51 -17.89
CA GLU D 321 -40.10 8.20 -18.52
C GLU D 321 -38.63 7.82 -18.77
N ARG D 322 -37.81 8.82 -19.09
CA ARG D 322 -36.44 8.59 -19.50
C ARG D 322 -35.46 8.59 -18.32
N HIS D 323 -35.84 9.28 -17.25
CA HIS D 323 -35.01 9.36 -16.06
C HIS D 323 -35.76 8.72 -14.89
N LYS D 324 -36.29 7.52 -15.12
CA LYS D 324 -37.18 6.85 -14.17
C LYS D 324 -36.53 6.57 -12.81
N ILE D 325 -35.21 6.37 -12.81
CA ILE D 325 -34.49 6.15 -11.57
C ILE D 325 -34.29 7.47 -10.83
N LEU D 326 -34.12 8.55 -11.60
CA LEU D 326 -34.06 9.88 -11.04
C LEU D 326 -35.45 10.33 -10.62
N HIS D 327 -36.43 10.01 -11.45
CA HIS D 327 -37.83 10.29 -11.15
C HIS D 327 -38.22 9.66 -9.82
N ARG D 328 -37.82 8.40 -9.63
CA ARG D 328 -38.15 7.69 -8.40
C ARG D 328 -37.40 8.26 -7.21
N LEU D 329 -36.17 8.72 -7.44
CA LEU D 329 -35.35 9.28 -6.38
C LEU D 329 -35.81 10.70 -6.02
N LEU D 330 -36.59 11.30 -6.92
CA LEU D 330 -37.04 12.68 -6.72
C LEU D 330 -38.50 12.81 -6.31
N GLN D 331 -39.16 11.66 -6.14
CA GLN D 331 -40.52 11.63 -5.62
C GLN D 331 -40.44 10.93 -4.26
N GLU D 332 -39.37 10.17 -4.09
CA GLU D 332 -39.13 9.34 -2.92
C GLU D 332 -39.26 10.02 -1.56
N GLY D 333 -40.06 9.40 -0.69
CA GLY D 333 -40.13 9.75 0.71
C GLY D 333 -40.08 8.45 1.49
N SER D 334 -40.00 7.36 0.73
CA SER D 334 -40.13 5.98 1.22
C SER D 334 -41.54 5.67 1.71
C1 SRL E . 3.46 -18.68 12.21
C2 SRL E . 2.68 -19.71 11.65
C3 SRL E . 3.01 -20.22 10.38
C4 SRL E . 4.12 -19.69 9.69
C5 SRL E . 4.87 -18.67 10.25
C6 SRL E . 4.54 -18.19 11.49
C7 SRL E . 6.07 -18.07 9.56
C8 SRL E . 5.90 -17.05 8.63
P9 SRL E . 5.60 -17.59 6.92
P10 SRL E . 6.91 -15.52 8.71
O11 SRL E . 1.59 -20.20 12.34
C12 SRL E . 3.20 -18.03 13.56
C13 SRL E . 2.25 -21.30 9.68
C14 SRL E . 4.37 -17.18 13.98
C15 SRL E . 2.01 -17.15 13.42
C16 SRL E . 2.94 -18.96 14.70
C17 SRL E . 2.95 -21.78 8.47
C18 SRL E . 2.09 -22.56 10.47
C19 SRL E . 0.96 -20.72 9.20
O20 SRL E . 6.44 -18.81 6.72
O21 SRL E . 4.12 -17.91 6.60
C22 SRL E . 3.90 -19.03 5.81
C23 SRL E . 2.61 -19.79 5.86
O24 SRL E . 6.14 -16.38 6.08
C25 SRL E . 5.98 -16.26 4.71
C26 SRL E . 4.91 -15.33 4.27
O27 SRL E . 6.06 -14.34 8.32
O28 SRL E . 7.50 -15.26 10.12
C29 SRL E . 6.82 -15.25 11.30
C30 SRL E . 7.38 -16.23 12.28
O31 SRL E . 8.09 -15.55 7.65
C32 SRL E . 9.00 -16.58 7.59
C33 SRL E . 9.39 -17.11 6.26
C1 SRL F . -13.98 11.54 -13.37
C2 SRL F . -15.16 10.85 -13.52
C3 SRL F . -15.80 10.42 -12.35
C4 SRL F . -15.28 10.67 -11.09
C5 SRL F . -14.13 11.33 -10.94
C6 SRL F . -13.51 11.77 -12.08
C7 SRL F . -13.69 11.53 -9.50
C8 SRL F . -12.56 12.16 -9.03
P9 SRL F . -12.75 13.50 -7.83
P10 SRL F . -10.92 11.61 -9.50
O11 SRL F . -15.69 10.58 -14.78
C12 SRL F . -13.12 12.07 -14.50
C13 SRL F . -17.06 9.67 -12.37
C14 SRL F . -12.24 13.14 -13.95
C15 SRL F . -12.34 10.92 -15.00
C16 SRL F . -13.86 12.60 -15.67
C17 SRL F . -17.43 9.36 -10.94
C18 SRL F . -18.11 10.53 -12.97
C19 SRL F . -16.78 8.41 -13.10
O20 SRL F . -14.05 13.32 -7.18
O21 SRL F . -11.60 13.13 -6.87
C22 SRL F . -11.73 13.05 -5.52
C23 SRL F . -11.62 11.75 -4.77
O24 SRL F . -12.48 15.00 -8.39
C25 SRL F . -11.32 15.26 -9.12
C26 SRL F . -10.09 15.79 -8.46
O27 SRL F . -10.70 10.12 -9.32
O28 SRL F . -11.02 11.90 -11.02
C29 SRL F . -10.36 11.14 -11.94
C30 SRL F . -9.12 11.82 -12.39
O31 SRL F . -9.76 12.50 -8.94
C32 SRL F . -8.47 12.06 -8.76
C33 SRL F . -7.31 12.96 -9.12
#